data_7OOS
# 
_entry.id   7OOS 
# 
_audit_conform.dict_name       mmcif_pdbx.dic 
_audit_conform.dict_version    5.385 
_audit_conform.dict_location   http://mmcif.pdb.org/dictionaries/ascii/mmcif_pdbx.dic 
# 
loop_
_database_2.database_id 
_database_2.database_code 
_database_2.pdbx_database_accession 
_database_2.pdbx_DOI 
PDB   7OOS         pdb_00007oos 10.2210/pdb7oos/pdb 
WWPDB D_1292116152 ?            ?                   
# 
loop_
_pdbx_audit_revision_history.ordinal 
_pdbx_audit_revision_history.data_content_type 
_pdbx_audit_revision_history.major_revision 
_pdbx_audit_revision_history.minor_revision 
_pdbx_audit_revision_history.revision_date 
1 'Structure model' 1 0 2022-08-03 
2 'Structure model' 2 0 2023-03-15 
3 'Structure model' 2 1 2024-02-07 
# 
_pdbx_audit_revision_details.ordinal             1 
_pdbx_audit_revision_details.revision_ordinal    1 
_pdbx_audit_revision_details.data_content_type   'Structure model' 
_pdbx_audit_revision_details.provider            repository 
_pdbx_audit_revision_details.type                'Initial release' 
_pdbx_audit_revision_details.description         ? 
_pdbx_audit_revision_details.details             ? 
# 
loop_
_pdbx_audit_revision_group.ordinal 
_pdbx_audit_revision_group.revision_ordinal 
_pdbx_audit_revision_group.data_content_type 
_pdbx_audit_revision_group.group 
1 2 'Structure model' 'Atomic model'            
2 2 'Structure model' 'Derived calculations'    
3 2 'Structure model' 'Non-polymer description' 
4 2 'Structure model' 'Polymer sequence'        
5 2 'Structure model' 'Structure summary'       
6 3 'Structure model' 'Data collection'         
7 3 'Structure model' 'Refinement description'  
# 
loop_
_pdbx_audit_revision_category.ordinal 
_pdbx_audit_revision_category.revision_ordinal 
_pdbx_audit_revision_category.data_content_type 
_pdbx_audit_revision_category.category 
1 2 'Structure model' atom_site                     
2 2 'Structure model' chem_comp                     
3 2 'Structure model' entity                        
4 2 'Structure model' entity_poly                   
5 2 'Structure model' struct_conn                   
6 3 'Structure model' chem_comp_atom                
7 3 'Structure model' chem_comp_bond                
8 3 'Structure model' pdbx_initial_refinement_model 
# 
loop_
_pdbx_audit_revision_item.ordinal 
_pdbx_audit_revision_item.revision_ordinal 
_pdbx_audit_revision_item.data_content_type 
_pdbx_audit_revision_item.item 
1  2 'Structure model' '_atom_site.B_iso_or_equiv'                 
2  2 'Structure model' '_atom_site.Cartn_x'                        
3  2 'Structure model' '_atom_site.Cartn_y'                        
4  2 'Structure model' '_atom_site.Cartn_z'                        
5  2 'Structure model' '_atom_site.auth_atom_id'                   
6  2 'Structure model' '_atom_site.label_atom_id'                  
7  2 'Structure model' '_chem_comp.formula'                        
8  2 'Structure model' '_chem_comp.formula_weight'                 
9  2 'Structure model' '_chem_comp.name'                           
10 2 'Structure model' '_entity.formula_weight'                    
11 2 'Structure model' '_entity.pdbx_description'                  
12 2 'Structure model' '_entity_poly.pdbx_seq_one_letter_code_can' 
13 2 'Structure model' '_struct_conn.pdbx_leaving_atom_flag'       
# 
_pdbx_database_status.status_code                     REL 
_pdbx_database_status.status_code_sf                  REL 
_pdbx_database_status.status_code_mr                  ? 
_pdbx_database_status.entry_id                        7OOS 
_pdbx_database_status.recvd_initial_deposition_date   2021-05-28 
_pdbx_database_status.SG_entry                        N 
_pdbx_database_status.deposit_site                    PDBE 
_pdbx_database_status.process_site                    PDBE 
_pdbx_database_status.status_code_cs                  ? 
_pdbx_database_status.status_code_nmr_data            ? 
_pdbx_database_status.methods_development_category    ? 
_pdbx_database_status.pdb_format_compatible           Y 
# 
loop_
_audit_author.name 
_audit_author.pdbx_ordinal 
_audit_author.identifier_ORCID 
'Thorpe, C.'       1 0000-0002-1980-678X 
'Hardwick, J.'     2 0000-0002-3117-1035 
'McDonough, M.A.'  3 0000-0003-4664-6942 
'Hall, J.P.'       4 0000-0003-3716-4378 
'Baker, Y.R.'      5 0000-0002-0266-771X 
'El-Sagheer, A.H.' 6 0000-0001-8706-1292 
'Brown, T.'        7 0000-0002-6538-3036 
# 
_citation.abstract                  ? 
_citation.abstract_id_CAS           ? 
_citation.book_id_ISBN              ? 
_citation.book_publisher            ? 
_citation.book_publisher_city       ? 
_citation.book_title                ? 
_citation.coordinate_linkage        ? 
_citation.country                   UK 
_citation.database_id_Medline       ? 
_citation.details                   ? 
_citation.id                        primary 
_citation.journal_abbrev            'Nat Commun' 
_citation.journal_id_ASTM           ? 
_citation.journal_id_CSD            ? 
_citation.journal_id_ISSN           2041-1723 
_citation.journal_full              ? 
_citation.journal_issue             ? 
_citation.journal_volume            13 
_citation.language                  ? 
_citation.page_first                4036 
_citation.page_last                 4036 
_citation.title                     
'An LNA-amide modification that enhances the cell uptake and activity of phosphorothioate exon-skipping oligonucleotides.' 
_citation.year                      2022 
_citation.database_id_CSD           ? 
_citation.pdbx_database_id_DOI      10.1038/s41467-022-31636-2 
_citation.pdbx_database_id_PubMed   35821218 
_citation.pdbx_database_id_patent   ? 
_citation.unpublished_flag          ? 
# 
loop_
_citation_author.citation_id 
_citation_author.name 
_citation_author.ordinal 
_citation_author.identifier_ORCID 
primary 'Baker, Y.R.'       1  0000-0002-0266-771X 
primary 'Thorpe, C.'        2  0000-0002-1980-678X 
primary 'Chen, J.'          3  ?                   
primary 'Poller, L.M.'      4  0000-0001-7385-0071 
primary 'Cox, L.'           5  0000-0001-9450-6819 
primary 'Kumar, P.'         6  ?                   
primary 'Lim, W.F.'         7  0000-0002-1238-3040 
primary 'Lie, L.'           8  ?                   
primary 'McClorey, G.'      9  ?                   
primary 'Epple, S.'         10 0000-0002-9078-3250 
primary 'Singleton, D.'     11 ?                   
primary 'McDonough, M.A.'   12 0000-0003-4664-6942 
primary 'Hardwick, J.S.'    13 0000-0002-3117-1035 
primary 'Christensen, K.E.' 14 0000-0003-1683-2066 
primary 'Wood, M.J.A.'      15 0000-0002-5436-6011 
primary 'Hall, J.P.'        16 0000-0003-3716-4378 
primary 'El-Sagheer, A.H.'  17 0000-0001-8706-1292 
primary 'Brown, T.'         18 0000-0002-6538-3036 
# 
loop_
_entity.id 
_entity.type 
_entity.src_method 
_entity.pdbx_description 
_entity.formula_weight 
_entity.pdbx_number_of_molecules 
_entity.pdbx_ec 
_entity.pdbx_mutation 
_entity.pdbx_fragment 
_entity.details 
1 polymer     man 
;RNA (5'-R(*CP*AP*AP*AP*GP*AP*AP*AP*AP*G)-3')
;
3255.076 1 ? ? ? ? 
2 polymer     man 
;DNA (5'-D(*CP*TP*(05K)P*TP*CP*TP*TP*TP*G)-3')
;
2953.035 1 ? ? ? ? 
3 non-polymer syn 'STRONTIUM ION'                                 87.620   2 ? ? ? ? 
4 water       nat water                                           18.015   4 ? ? ? ? 
# 
loop_
_entity_poly.entity_id 
_entity_poly.type 
_entity_poly.nstd_linkage 
_entity_poly.nstd_monomer 
_entity_poly.pdbx_seq_one_letter_code 
_entity_poly.pdbx_seq_one_letter_code_can 
_entity_poly.pdbx_strand_id 
_entity_poly.pdbx_target_identifier 
1 polyribonucleotide      no no  CAAAGAAAAG                              CAAAGAAAAG A ? 
2 polydeoxyribonucleotide no yes '(DC)(DT)(05K)(DT)(DC)(DT)(DT)(DT)(DG)' CTXTCTTTG  B ? 
# 
loop_
_pdbx_entity_nonpoly.entity_id 
_pdbx_entity_nonpoly.name 
_pdbx_entity_nonpoly.comp_id 
3 'STRONTIUM ION' SR  
4 water           HOH 
# 
loop_
_entity_poly_seq.entity_id 
_entity_poly_seq.num 
_entity_poly_seq.mon_id 
_entity_poly_seq.hetero 
1 1  C   n 
1 2  A   n 
1 3  A   n 
1 4  A   n 
1 5  G   n 
1 6  A   n 
1 7  A   n 
1 8  A   n 
1 9  A   n 
1 10 G   n 
2 1  DC  n 
2 2  DT  n 
2 3  05K n 
2 4  DT  n 
2 5  DC  n 
2 6  DT  n 
2 7  DT  n 
2 8  DT  n 
2 9  DG  n 
# 
loop_
_entity_src_gen.entity_id 
_entity_src_gen.pdbx_src_id 
_entity_src_gen.pdbx_alt_source_flag 
_entity_src_gen.pdbx_seq_type 
_entity_src_gen.pdbx_beg_seq_num 
_entity_src_gen.pdbx_end_seq_num 
_entity_src_gen.gene_src_common_name 
_entity_src_gen.gene_src_genus 
_entity_src_gen.pdbx_gene_src_gene 
_entity_src_gen.gene_src_species 
_entity_src_gen.gene_src_strain 
_entity_src_gen.gene_src_tissue 
_entity_src_gen.gene_src_tissue_fraction 
_entity_src_gen.gene_src_details 
_entity_src_gen.pdbx_gene_src_fragment 
_entity_src_gen.pdbx_gene_src_scientific_name 
_entity_src_gen.pdbx_gene_src_ncbi_taxonomy_id 
_entity_src_gen.pdbx_gene_src_variant 
_entity_src_gen.pdbx_gene_src_cell_line 
_entity_src_gen.pdbx_gene_src_atcc 
_entity_src_gen.pdbx_gene_src_organ 
_entity_src_gen.pdbx_gene_src_organelle 
_entity_src_gen.pdbx_gene_src_cell 
_entity_src_gen.pdbx_gene_src_cellular_location 
_entity_src_gen.host_org_common_name 
_entity_src_gen.pdbx_host_org_scientific_name 
_entity_src_gen.pdbx_host_org_ncbi_taxonomy_id 
_entity_src_gen.host_org_genus 
_entity_src_gen.pdbx_host_org_gene 
_entity_src_gen.pdbx_host_org_organ 
_entity_src_gen.host_org_species 
_entity_src_gen.pdbx_host_org_tissue 
_entity_src_gen.pdbx_host_org_tissue_fraction 
_entity_src_gen.pdbx_host_org_strain 
_entity_src_gen.pdbx_host_org_variant 
_entity_src_gen.pdbx_host_org_cell_line 
_entity_src_gen.pdbx_host_org_atcc 
_entity_src_gen.pdbx_host_org_culture_collection 
_entity_src_gen.pdbx_host_org_cell 
_entity_src_gen.pdbx_host_org_organelle 
_entity_src_gen.pdbx_host_org_cellular_location 
_entity_src_gen.pdbx_host_org_vector_type 
_entity_src_gen.pdbx_host_org_vector 
_entity_src_gen.host_org_details 
_entity_src_gen.expression_system_id 
_entity_src_gen.plasmid_name 
_entity_src_gen.plasmid_details 
_entity_src_gen.pdbx_description 
1 1 sample 'Biological sequence' 1 10 ? ? ? ? ? ? ? ? ? 'synthetic construct' 32630 ? ? ? ? ? ? ? ? 'synthetic construct' 32630 ? 
? ? ? ? ? ? ? ? ? ? ? ? ? ? ? ? ? ? ? ? 
2 1 sample 'Biological sequence' 1 9  ? ? ? ? ? ? ? ? ? 'synthetic construct' 32630 ? ? ? ? ? ? ? ? 'synthetic construct' 32630 ? 
? ? ? ? ? ? ? ? ? ? ? ? ? ? ? ? ? ? ? ? 
# 
loop_
_chem_comp.id 
_chem_comp.type 
_chem_comp.mon_nstd_flag 
_chem_comp.name 
_chem_comp.pdbx_synonyms 
_chem_comp.formula 
_chem_comp.formula_weight 
05K 'DNA linking' n 
;[(2S,3R,5R)-5-[5-methyl-2,4-bis(oxidanylidene)pyrimidin-1-yl]-3-[2-[[(2R,3S,5R)-5-[5-methyl-2,4-bis(oxidanylidene)pyrimidin-1-yl]-3-oxidanyl-oxolan-2-yl]methylamino]-2-oxidanylidene-ethyl]oxolan-2-yl]methyl dihydrogen phosphate
;
? 'C22 H30 N5 O12 P' 587.474 
A   'RNA linking' y "ADENOSINE-5'-MONOPHOSPHATE" ? 'C10 H14 N5 O7 P'  347.221 
C   'RNA linking' y "CYTIDINE-5'-MONOPHOSPHATE" ? 'C9 H14 N3 O8 P'   323.197 
DC  'DNA linking' y "2'-DEOXYCYTIDINE-5'-MONOPHOSPHATE" ? 'C9 H14 N3 O7 P'   307.197 
DG  'DNA linking' y "2'-DEOXYGUANOSINE-5'-MONOPHOSPHATE" ? 'C10 H14 N5 O7 P'  347.221 
DT  'DNA linking' y "THYMIDINE-5'-MONOPHOSPHATE" ? 'C10 H15 N2 O8 P'  322.208 
G   'RNA linking' y "GUANOSINE-5'-MONOPHOSPHATE" ? 'C10 H14 N5 O8 P'  363.221 
HOH non-polymer   . WATER ? 'H2 O'             18.015  
SR  non-polymer   . 'STRONTIUM ION' ? 'Sr 2'             87.620  
# 
loop_
_pdbx_poly_seq_scheme.asym_id 
_pdbx_poly_seq_scheme.entity_id 
_pdbx_poly_seq_scheme.seq_id 
_pdbx_poly_seq_scheme.mon_id 
_pdbx_poly_seq_scheme.ndb_seq_num 
_pdbx_poly_seq_scheme.pdb_seq_num 
_pdbx_poly_seq_scheme.auth_seq_num 
_pdbx_poly_seq_scheme.pdb_mon_id 
_pdbx_poly_seq_scheme.auth_mon_id 
_pdbx_poly_seq_scheme.pdb_strand_id 
_pdbx_poly_seq_scheme.pdb_ins_code 
_pdbx_poly_seq_scheme.hetero 
A 1 1  C   1  1  1  C   C   A . n 
A 1 2  A   2  2  2  A   A   A . n 
A 1 3  A   3  3  3  A   A   A . n 
A 1 4  A   4  4  4  A   A   A . n 
A 1 5  G   5  5  5  G   G   A . n 
A 1 6  A   6  6  6  A   A   A . n 
A 1 7  A   7  7  7  A   A   A . n 
A 1 8  A   8  8  8  A   A   A . n 
A 1 9  A   9  9  9  A   A   A . n 
A 1 10 G   10 10 10 G   G   A . n 
B 2 1  DC  1  11 11 DC  DC  B . n 
B 2 2  DT  2  12 12 DT  DT  B . n 
B 2 3  05K 3  13 13 05K 05K B . n 
B 2 4  DT  4  14 14 DT  DT  B . n 
B 2 5  DC  5  15 15 DC  DC  B . n 
B 2 6  DT  6  16 16 DT  DT  B . n 
B 2 7  DT  7  17 17 DT  DT  B . n 
B 2 8  DT  8  18 18 DT  DT  B . n 
B 2 9  DG  9  19 19 DG  DG  B . n 
# 
loop_
_pdbx_nonpoly_scheme.asym_id 
_pdbx_nonpoly_scheme.entity_id 
_pdbx_nonpoly_scheme.mon_id 
_pdbx_nonpoly_scheme.ndb_seq_num 
_pdbx_nonpoly_scheme.pdb_seq_num 
_pdbx_nonpoly_scheme.auth_seq_num 
_pdbx_nonpoly_scheme.pdb_mon_id 
_pdbx_nonpoly_scheme.auth_mon_id 
_pdbx_nonpoly_scheme.pdb_strand_id 
_pdbx_nonpoly_scheme.pdb_ins_code 
C 3 SR  1 101 1 SR  SR  A . 
D 3 SR  1 102 2 SR  SR  A . 
E 4 HOH 1 201 6 HOH HOH A . 
E 4 HOH 2 202 7 HOH HOH A . 
E 4 HOH 3 203 4 HOH HOH A . 
F 4 HOH 1 101 5 HOH HOH B . 
# 
loop_
_software.citation_id 
_software.classification 
_software.compiler_name 
_software.compiler_version 
_software.contact_author 
_software.contact_author_email 
_software.date 
_software.description 
_software.dependencies 
_software.hardware 
_software.language 
_software.location 
_software.mods 
_software.name 
_software.os 
_software.os_version 
_software.type 
_software.version 
_software.pdbx_ordinal 
? refinement       ? ? ? ? ? ? ? ? ? ? ? PHENIX  ? ? ? '(1.19.2_4158: ???)' 1 
? 'data reduction' ? ? ? ? ? ? ? ? ? ? ? iMOSFLM ? ? ? .                    2 
? 'data scaling'   ? ? ? ? ? ? ? ? ? ? ? Aimless ? ? ? .                    3 
? phasing          ? ? ? ? ? ? ? ? ? ? ? PHASER  ? ? ? .                    4 
# 
_cell.angle_alpha                  90.00 
_cell.angle_alpha_esd              ? 
_cell.angle_beta                   90.00 
_cell.angle_beta_esd               ? 
_cell.angle_gamma                  120.00 
_cell.angle_gamma_esd              ? 
_cell.entry_id                     7OOS 
_cell.details                      ? 
_cell.formula_units_Z              ? 
_cell.length_a                     55.140 
_cell.length_a_esd                 ? 
_cell.length_b                     55.140 
_cell.length_b_esd                 ? 
_cell.length_c                     45.960 
_cell.length_c_esd                 ? 
_cell.volume                       ? 
_cell.volume_esd                   ? 
_cell.Z_PDB                        6 
_cell.reciprocal_angle_alpha       ? 
_cell.reciprocal_angle_beta        ? 
_cell.reciprocal_angle_gamma       ? 
_cell.reciprocal_angle_alpha_esd   ? 
_cell.reciprocal_angle_beta_esd    ? 
_cell.reciprocal_angle_gamma_esd   ? 
_cell.reciprocal_length_a          ? 
_cell.reciprocal_length_b          ? 
_cell.reciprocal_length_c          ? 
_cell.reciprocal_length_a_esd      ? 
_cell.reciprocal_length_b_esd      ? 
_cell.reciprocal_length_c_esd      ? 
_cell.pdbx_unique_axis             ? 
# 
_symmetry.entry_id                         7OOS 
_symmetry.cell_setting                     ? 
_symmetry.Int_Tables_number                169 
_symmetry.space_group_name_Hall            ? 
_symmetry.space_group_name_H-M             'P 61' 
_symmetry.pdbx_full_space_group_name_H-M   ? 
# 
_exptl.absorpt_coefficient_mu     ? 
_exptl.absorpt_correction_T_max   ? 
_exptl.absorpt_correction_T_min   ? 
_exptl.absorpt_correction_type    ? 
_exptl.absorpt_process_details    ? 
_exptl.entry_id                   7OOS 
_exptl.crystals_number            1 
_exptl.details                    ? 
_exptl.method                     'X-RAY DIFFRACTION' 
_exptl.method_details             ? 
# 
_exptl_crystal.colour                      ? 
_exptl_crystal.density_diffrn              ? 
_exptl_crystal.density_Matthews            3.26 
_exptl_crystal.density_method              ? 
_exptl_crystal.density_percent_sol         62.24 
_exptl_crystal.description                 ? 
_exptl_crystal.F_000                       ? 
_exptl_crystal.id                          1 
_exptl_crystal.preparation                 ? 
_exptl_crystal.size_max                    ? 
_exptl_crystal.size_mid                    ? 
_exptl_crystal.size_min                    ? 
_exptl_crystal.size_rad                    ? 
_exptl_crystal.colour_lustre               ? 
_exptl_crystal.colour_modifier             ? 
_exptl_crystal.colour_primary              ? 
_exptl_crystal.density_meas                ? 
_exptl_crystal.density_meas_esd            ? 
_exptl_crystal.density_meas_gt             ? 
_exptl_crystal.density_meas_lt             ? 
_exptl_crystal.density_meas_temp           ? 
_exptl_crystal.density_meas_temp_esd       ? 
_exptl_crystal.density_meas_temp_gt        ? 
_exptl_crystal.density_meas_temp_lt        ? 
_exptl_crystal.pdbx_crystal_image_url      ? 
_exptl_crystal.pdbx_crystal_image_format   ? 
_exptl_crystal.pdbx_mosaicity              ? 
_exptl_crystal.pdbx_mosaicity_esd          ? 
# 
_exptl_crystal_grow.apparatus       ? 
_exptl_crystal_grow.atmosphere      ? 
_exptl_crystal_grow.crystal_id      1 
_exptl_crystal_grow.details         ? 
_exptl_crystal_grow.method          'VAPOR DIFFUSION, SITTING DROP' 
_exptl_crystal_grow.method_ref      ? 
_exptl_crystal_grow.pH              ? 
_exptl_crystal_grow.pressure        ? 
_exptl_crystal_grow.pressure_esd    ? 
_exptl_crystal_grow.seeding         ? 
_exptl_crystal_grow.seeding_ref     ? 
_exptl_crystal_grow.temp            298 
_exptl_crystal_grow.temp_details    ? 
_exptl_crystal_grow.temp_esd        ? 
_exptl_crystal_grow.time            ? 
_exptl_crystal_grow.pdbx_details    
;Drop solution, 0.5 mM duplex, 20 mM Lithium chloride, 40 mM Strontium chloride hexahydrate, 20 mM Sodium cacodylate trihydrate pH 7.0, 15% (v/v) MPD, 6.0 mM Spermine tetrahydrochloride; Well solution, Component concentrations are double the concentration of the drop solution and do not contain the oligonucleotide duplex
;
_exptl_crystal_grow.pdbx_pH_range   ? 
# 
_diffrn.ambient_environment              ? 
_diffrn.ambient_temp                     100 
_diffrn.ambient_temp_details             ? 
_diffrn.ambient_temp_esd                 ? 
_diffrn.crystal_id                       1 
_diffrn.crystal_support                  ? 
_diffrn.crystal_treatment                ? 
_diffrn.details                          ? 
_diffrn.id                               1 
_diffrn.ambient_pressure                 ? 
_diffrn.ambient_pressure_esd             ? 
_diffrn.ambient_pressure_gt              ? 
_diffrn.ambient_pressure_lt              ? 
_diffrn.ambient_temp_gt                  ? 
_diffrn.ambient_temp_lt                  ? 
_diffrn.pdbx_serial_crystal_experiment   N 
# 
_diffrn_detector.details                      ? 
_diffrn_detector.detector                     PIXEL 
_diffrn_detector.diffrn_id                    1 
_diffrn_detector.type                         'DECTRIS PILATUS 6M' 
_diffrn_detector.area_resol_mean              ? 
_diffrn_detector.dtime                        ? 
_diffrn_detector.pdbx_frames_total            ? 
_diffrn_detector.pdbx_collection_time_total   ? 
_diffrn_detector.pdbx_collection_date         2018-11-03 
_diffrn_detector.pdbx_frequency               ? 
# 
_diffrn_radiation.collimation                      ? 
_diffrn_radiation.diffrn_id                        1 
_diffrn_radiation.filter_edge                      ? 
_diffrn_radiation.inhomogeneity                    ? 
_diffrn_radiation.monochromator                    ? 
_diffrn_radiation.polarisn_norm                    ? 
_diffrn_radiation.polarisn_ratio                   ? 
_diffrn_radiation.probe                            ? 
_diffrn_radiation.type                             ? 
_diffrn_radiation.xray_symbol                      ? 
_diffrn_radiation.wavelength_id                    1 
_diffrn_radiation.pdbx_monochromatic_or_laue_m_l   M 
_diffrn_radiation.pdbx_wavelength_list             ? 
_diffrn_radiation.pdbx_wavelength                  ? 
_diffrn_radiation.pdbx_diffrn_protocol             'SINGLE WAVELENGTH' 
_diffrn_radiation.pdbx_analyzer                    ? 
_diffrn_radiation.pdbx_scattering_type             x-ray 
# 
_diffrn_radiation_wavelength.id           1 
_diffrn_radiation_wavelength.wavelength   0.9762 
_diffrn_radiation_wavelength.wt           1.0 
# 
_diffrn_source.current                     ? 
_diffrn_source.details                     ? 
_diffrn_source.diffrn_id                   1 
_diffrn_source.power                       ? 
_diffrn_source.size                        ? 
_diffrn_source.source                      SYNCHROTRON 
_diffrn_source.target                      ? 
_diffrn_source.type                        'PETRA III, EMBL c/o DESY BEAMLINE P13 (MX1)' 
_diffrn_source.voltage                     ? 
_diffrn_source.take-off_angle              ? 
_diffrn_source.pdbx_wavelength_list        0.9762 
_diffrn_source.pdbx_wavelength             ? 
_diffrn_source.pdbx_synchrotron_beamline   'P13 (MX1)' 
_diffrn_source.pdbx_synchrotron_site       'PETRA III, EMBL c/o DESY' 
# 
_reflns.B_iso_Wilson_estimate                          ? 
_reflns.entry_id                                       7OOS 
_reflns.data_reduction_details                         ? 
_reflns.data_reduction_method                          ? 
_reflns.d_resolution_high                              2.6 
_reflns.d_resolution_low                               47.75 
_reflns.details                                        ? 
_reflns.limit_h_max                                    ? 
_reflns.limit_h_min                                    ? 
_reflns.limit_k_max                                    ? 
_reflns.limit_k_min                                    ? 
_reflns.limit_l_max                                    ? 
_reflns.limit_l_min                                    ? 
_reflns.number_all                                     ? 
_reflns.number_obs                                     2517 
_reflns.observed_criterion                             ? 
_reflns.observed_criterion_F_max                       ? 
_reflns.observed_criterion_F_min                       ? 
_reflns.observed_criterion_I_max                       ? 
_reflns.observed_criterion_I_min                       ? 
_reflns.observed_criterion_sigma_F                     ? 
_reflns.observed_criterion_sigma_I                     ? 
_reflns.percent_possible_obs                           99.9 
_reflns.R_free_details                                 ? 
_reflns.Rmerge_F_all                                   ? 
_reflns.Rmerge_F_obs                                   ? 
_reflns.Friedel_coverage                               ? 
_reflns.number_gt                                      ? 
_reflns.threshold_expression                           ? 
_reflns.pdbx_redundancy                                7.5 
_reflns.pdbx_Rmerge_I_obs                              ? 
_reflns.pdbx_Rmerge_I_all                              ? 
_reflns.pdbx_Rsym_value                                ? 
_reflns.pdbx_netI_over_av_sigmaI                       ? 
_reflns.pdbx_netI_over_sigmaI                          8.9 
_reflns.pdbx_res_netI_over_av_sigmaI_2                 ? 
_reflns.pdbx_res_netI_over_sigmaI_2                    ? 
_reflns.pdbx_chi_squared                               ? 
_reflns.pdbx_scaling_rejects                           ? 
_reflns.pdbx_d_res_high_opt                            ? 
_reflns.pdbx_d_res_low_opt                             ? 
_reflns.pdbx_d_res_opt_method                          ? 
_reflns.phase_calculation_details                      ? 
_reflns.pdbx_Rrim_I_all                                ? 
_reflns.pdbx_Rpim_I_all                                ? 
_reflns.pdbx_d_opt                                     ? 
_reflns.pdbx_number_measured_all                       ? 
_reflns.pdbx_diffrn_id                                 1 
_reflns.pdbx_ordinal                                   1 
_reflns.pdbx_CC_half                                   0.943 
_reflns.pdbx_CC_star                                   ? 
_reflns.pdbx_R_split                                   ? 
_reflns.pdbx_aniso_diffraction_limit_axis_1_ortho[1]   ? 
_reflns.pdbx_aniso_diffraction_limit_axis_1_ortho[2]   ? 
_reflns.pdbx_aniso_diffraction_limit_axis_1_ortho[3]   ? 
_reflns.pdbx_aniso_diffraction_limit_axis_2_ortho[1]   ? 
_reflns.pdbx_aniso_diffraction_limit_axis_2_ortho[2]   ? 
_reflns.pdbx_aniso_diffraction_limit_axis_2_ortho[3]   ? 
_reflns.pdbx_aniso_diffraction_limit_axis_3_ortho[1]   ? 
_reflns.pdbx_aniso_diffraction_limit_axis_3_ortho[2]   ? 
_reflns.pdbx_aniso_diffraction_limit_axis_3_ortho[3]   ? 
_reflns.pdbx_aniso_diffraction_limit_1                 ? 
_reflns.pdbx_aniso_diffraction_limit_2                 ? 
_reflns.pdbx_aniso_diffraction_limit_3                 ? 
_reflns.pdbx_aniso_B_tensor_eigenvector_1_ortho[1]     ? 
_reflns.pdbx_aniso_B_tensor_eigenvector_1_ortho[2]     ? 
_reflns.pdbx_aniso_B_tensor_eigenvector_1_ortho[3]     ? 
_reflns.pdbx_aniso_B_tensor_eigenvector_2_ortho[1]     ? 
_reflns.pdbx_aniso_B_tensor_eigenvector_2_ortho[2]     ? 
_reflns.pdbx_aniso_B_tensor_eigenvector_2_ortho[3]     ? 
_reflns.pdbx_aniso_B_tensor_eigenvector_3_ortho[1]     ? 
_reflns.pdbx_aniso_B_tensor_eigenvector_3_ortho[2]     ? 
_reflns.pdbx_aniso_B_tensor_eigenvector_3_ortho[3]     ? 
_reflns.pdbx_aniso_B_tensor_eigenvalue_1               ? 
_reflns.pdbx_aniso_B_tensor_eigenvalue_2               ? 
_reflns.pdbx_aniso_B_tensor_eigenvalue_3               ? 
_reflns.pdbx_orthogonalization_convention              ? 
_reflns.pdbx_percent_possible_ellipsoidal              ? 
_reflns.pdbx_percent_possible_spherical                ? 
_reflns.pdbx_percent_possible_ellipsoidal_anomalous    ? 
_reflns.pdbx_percent_possible_spherical_anomalous      ? 
_reflns.pdbx_redundancy_anomalous                      ? 
_reflns.pdbx_CC_half_anomalous                         ? 
_reflns.pdbx_absDiff_over_sigma_anomalous              ? 
_reflns.pdbx_percent_possible_anomalous                ? 
_reflns.pdbx_observed_signal_threshold                 ? 
_reflns.pdbx_signal_type                               ? 
_reflns.pdbx_signal_details                            ? 
_reflns.pdbx_signal_software_id                        ? 
# 
_reflns_shell.d_res_high                                    2.60 
_reflns_shell.d_res_low                                     2.72 
_reflns_shell.meanI_over_sigI_all                           ? 
_reflns_shell.meanI_over_sigI_obs                           2.2 
_reflns_shell.number_measured_all                           ? 
_reflns_shell.number_measured_obs                           ? 
_reflns_shell.number_possible                               ? 
_reflns_shell.number_unique_all                             ? 
_reflns_shell.number_unique_obs                             308 
_reflns_shell.percent_possible_all                          ? 
_reflns_shell.percent_possible_obs                          ? 
_reflns_shell.Rmerge_F_all                                  ? 
_reflns_shell.Rmerge_F_obs                                  ? 
_reflns_shell.Rmerge_I_all                                  ? 
_reflns_shell.Rmerge_I_obs                                  ? 
_reflns_shell.meanI_over_sigI_gt                            ? 
_reflns_shell.meanI_over_uI_all                             ? 
_reflns_shell.meanI_over_uI_gt                              ? 
_reflns_shell.number_measured_gt                            ? 
_reflns_shell.number_unique_gt                              ? 
_reflns_shell.percent_possible_gt                           ? 
_reflns_shell.Rmerge_F_gt                                   ? 
_reflns_shell.Rmerge_I_gt                                   ? 
_reflns_shell.pdbx_redundancy                               ? 
_reflns_shell.pdbx_Rsym_value                               ? 
_reflns_shell.pdbx_chi_squared                              ? 
_reflns_shell.pdbx_netI_over_sigmaI_all                     ? 
_reflns_shell.pdbx_netI_over_sigmaI_obs                     ? 
_reflns_shell.pdbx_Rrim_I_all                               ? 
_reflns_shell.pdbx_Rpim_I_all                               ? 
_reflns_shell.pdbx_rejects                                  ? 
_reflns_shell.pdbx_ordinal                                  1 
_reflns_shell.pdbx_diffrn_id                                1 
_reflns_shell.pdbx_CC_half                                  0.645 
_reflns_shell.pdbx_CC_star                                  ? 
_reflns_shell.pdbx_R_split                                  ? 
_reflns_shell.pdbx_percent_possible_ellipsoidal             ? 
_reflns_shell.pdbx_percent_possible_spherical               ? 
_reflns_shell.pdbx_percent_possible_ellipsoidal_anomalous   ? 
_reflns_shell.pdbx_percent_possible_spherical_anomalous     ? 
_reflns_shell.pdbx_redundancy_anomalous                     ? 
_reflns_shell.pdbx_CC_half_anomalous                        ? 
_reflns_shell.pdbx_absDiff_over_sigma_anomalous             ? 
_reflns_shell.pdbx_percent_possible_anomalous               ? 
# 
_refine.aniso_B[1][1]                            ? 
_refine.aniso_B[1][2]                            ? 
_refine.aniso_B[1][3]                            ? 
_refine.aniso_B[2][2]                            ? 
_refine.aniso_B[2][3]                            ? 
_refine.aniso_B[3][3]                            ? 
_refine.B_iso_max                                ? 
_refine.B_iso_mean                               ? 
_refine.B_iso_min                                ? 
_refine.correlation_coeff_Fo_to_Fc               ? 
_refine.correlation_coeff_Fo_to_Fc_free          ? 
_refine.details                                  ? 
_refine.diff_density_max                         ? 
_refine.diff_density_max_esd                     ? 
_refine.diff_density_min                         ? 
_refine.diff_density_min_esd                     ? 
_refine.diff_density_rms                         ? 
_refine.diff_density_rms_esd                     ? 
_refine.entry_id                                 7OOS 
_refine.pdbx_refine_id                           'X-RAY DIFFRACTION' 
_refine.ls_abs_structure_details                 ? 
_refine.ls_abs_structure_Flack                   ? 
_refine.ls_abs_structure_Flack_esd               ? 
_refine.ls_abs_structure_Rogers                  ? 
_refine.ls_abs_structure_Rogers_esd              ? 
_refine.ls_d_res_high                            2.60 
_refine.ls_d_res_low                             47.75 
_refine.ls_extinction_coef                       ? 
_refine.ls_extinction_coef_esd                   ? 
_refine.ls_extinction_expression                 ? 
_refine.ls_extinction_method                     ? 
_refine.ls_goodness_of_fit_all                   ? 
_refine.ls_goodness_of_fit_all_esd               ? 
_refine.ls_goodness_of_fit_obs                   ? 
_refine.ls_goodness_of_fit_obs_esd               ? 
_refine.ls_hydrogen_treatment                    ? 
_refine.ls_matrix_type                           ? 
_refine.ls_number_constraints                    ? 
_refine.ls_number_parameters                     ? 
_refine.ls_number_reflns_all                     ? 
_refine.ls_number_reflns_obs                     2502 
_refine.ls_number_reflns_R_free                  153 
_refine.ls_number_reflns_R_work                  ? 
_refine.ls_number_restraints                     ? 
_refine.ls_percent_reflns_obs                    99.80 
_refine.ls_percent_reflns_R_free                 6.12 
_refine.ls_R_factor_all                          ? 
_refine.ls_R_factor_obs                          0.2189 
_refine.ls_R_factor_R_free                       0.2342 
_refine.ls_R_factor_R_free_error                 ? 
_refine.ls_R_factor_R_free_error_details         ? 
_refine.ls_R_factor_R_work                       0.2179 
_refine.ls_R_Fsqd_factor_obs                     ? 
_refine.ls_R_I_factor_obs                        ? 
_refine.ls_redundancy_reflns_all                 ? 
_refine.ls_redundancy_reflns_obs                 ? 
_refine.ls_restrained_S_all                      ? 
_refine.ls_restrained_S_obs                      ? 
_refine.ls_shift_over_esd_max                    ? 
_refine.ls_shift_over_esd_mean                   ? 
_refine.ls_structure_factor_coef                 ? 
_refine.ls_weighting_details                     ? 
_refine.ls_weighting_scheme                      ? 
_refine.ls_wR_factor_all                         ? 
_refine.ls_wR_factor_obs                         ? 
_refine.ls_wR_factor_R_free                      ? 
_refine.ls_wR_factor_R_work                      ? 
_refine.occupancy_max                            ? 
_refine.occupancy_min                            ? 
_refine.solvent_model_details                    'FLAT BULK SOLVENT MODEL' 
_refine.solvent_model_param_bsol                 ? 
_refine.solvent_model_param_ksol                 ? 
_refine.pdbx_R_complete                          ? 
_refine.ls_R_factor_gt                           ? 
_refine.ls_goodness_of_fit_gt                    ? 
_refine.ls_goodness_of_fit_ref                   ? 
_refine.ls_shift_over_su_max                     ? 
_refine.ls_shift_over_su_max_lt                  ? 
_refine.ls_shift_over_su_mean                    ? 
_refine.ls_shift_over_su_mean_lt                 ? 
_refine.pdbx_ls_sigma_I                          ? 
_refine.pdbx_ls_sigma_F                          1.38 
_refine.pdbx_ls_sigma_Fsqd                       ? 
_refine.pdbx_data_cutoff_high_absF               ? 
_refine.pdbx_data_cutoff_high_rms_absF           ? 
_refine.pdbx_data_cutoff_low_absF                ? 
_refine.pdbx_isotropic_thermal_model             ? 
_refine.pdbx_ls_cross_valid_method               'FREE R-VALUE' 
_refine.pdbx_method_to_determine_struct          'MOLECULAR REPLACEMENT' 
_refine.pdbx_starting_model                      7NRP 
_refine.pdbx_stereochemistry_target_values       ML 
_refine.pdbx_R_Free_selection_details            ? 
_refine.pdbx_stereochem_target_val_spec_case     ? 
_refine.pdbx_overall_ESU_R                       ? 
_refine.pdbx_overall_ESU_R_Free                  ? 
_refine.pdbx_solvent_vdw_probe_radii             1.11 
_refine.pdbx_solvent_ion_probe_radii             ? 
_refine.pdbx_solvent_shrinkage_radii             0.90 
_refine.pdbx_real_space_R                        ? 
_refine.pdbx_density_correlation                 ? 
_refine.pdbx_pd_number_of_powder_patterns        ? 
_refine.pdbx_pd_number_of_points                 ? 
_refine.pdbx_pd_meas_number_of_points            ? 
_refine.pdbx_pd_proc_ls_prof_R_factor            ? 
_refine.pdbx_pd_proc_ls_prof_wR_factor           ? 
_refine.pdbx_pd_Marquardt_correlation_coeff      ? 
_refine.pdbx_pd_Fsqrd_R_factor                   ? 
_refine.pdbx_pd_ls_matrix_band_width             ? 
_refine.pdbx_overall_phase_error                 27.22 
_refine.pdbx_overall_SU_R_free_Cruickshank_DPI   ? 
_refine.pdbx_overall_SU_R_free_Blow_DPI          ? 
_refine.pdbx_overall_SU_R_Blow_DPI               ? 
_refine.pdbx_TLS_residual_ADP_flag               ? 
_refine.pdbx_diffrn_id                           1 
_refine.overall_SU_B                             ? 
_refine.overall_SU_ML                            0.25 
_refine.overall_SU_R_Cruickshank_DPI             ? 
_refine.overall_SU_R_free                        ? 
_refine.overall_FOM_free_R_set                   ? 
_refine.overall_FOM_work_R_set                   ? 
_refine.pdbx_average_fsc_overall                 ? 
_refine.pdbx_average_fsc_work                    ? 
_refine.pdbx_average_fsc_free                    ? 
# 
_refine_hist.pdbx_refine_id                   'X-RAY DIFFRACTION' 
_refine_hist.cycle_id                         LAST 
_refine_hist.details                          ? 
_refine_hist.d_res_high                       2.60 
_refine_hist.d_res_low                        47.75 
_refine_hist.number_atoms_solvent             4 
_refine_hist.number_atoms_total               419 
_refine_hist.number_reflns_all                ? 
_refine_hist.number_reflns_obs                ? 
_refine_hist.number_reflns_R_free             ? 
_refine_hist.number_reflns_R_work             ? 
_refine_hist.R_factor_all                     ? 
_refine_hist.R_factor_obs                     ? 
_refine_hist.R_factor_R_free                  ? 
_refine_hist.R_factor_R_work                  ? 
_refine_hist.pdbx_number_residues_total       ? 
_refine_hist.pdbx_B_iso_mean_ligand           ? 
_refine_hist.pdbx_B_iso_mean_solvent          ? 
_refine_hist.pdbx_number_atoms_protein        0 
_refine_hist.pdbx_number_atoms_nucleic_acid   413 
_refine_hist.pdbx_number_atoms_ligand         2 
_refine_hist.pdbx_number_atoms_lipid          ? 
_refine_hist.pdbx_number_atoms_carb           ? 
_refine_hist.pdbx_pseudo_atom_details         ? 
# 
loop_
_refine_ls_restr.pdbx_refine_id 
_refine_ls_restr.criterion 
_refine_ls_restr.dev_ideal 
_refine_ls_restr.dev_ideal_target 
_refine_ls_restr.number 
_refine_ls_restr.rejects 
_refine_ls_restr.type 
_refine_ls_restr.weight 
_refine_ls_restr.pdbx_restraint_function 
'X-RAY DIFFRACTION' ? 0.004  ? 460 ? f_bond_d           ? ? 
'X-RAY DIFFRACTION' ? 0.902  ? 707 ? f_angle_d          ? ? 
'X-RAY DIFFRACTION' ? 13.556 ? 210 ? f_dihedral_angle_d ? ? 
'X-RAY DIFFRACTION' ? 0.026  ? 86  ? f_chiral_restr     ? ? 
'X-RAY DIFFRACTION' ? 0.002  ? 21  ? f_plane_restr      ? ? 
# 
_refine_ls_shell.pdbx_refine_id                   'X-RAY DIFFRACTION' 
_refine_ls_shell.d_res_high                       2.60 
_refine_ls_shell.d_res_low                        47.75 
_refine_ls_shell.number_reflns_all                ? 
_refine_ls_shell.number_reflns_obs                ? 
_refine_ls_shell.number_reflns_R_free             153 
_refine_ls_shell.number_reflns_R_work             2349 
_refine_ls_shell.percent_reflns_obs               100.00 
_refine_ls_shell.percent_reflns_R_free            ? 
_refine_ls_shell.R_factor_all                     ? 
_refine_ls_shell.R_factor_obs                     ? 
_refine_ls_shell.R_factor_R_free                  0.2342 
_refine_ls_shell.R_factor_R_free_error            ? 
_refine_ls_shell.R_factor_R_work                  0.2179 
_refine_ls_shell.redundancy_reflns_all            ? 
_refine_ls_shell.redundancy_reflns_obs            ? 
_refine_ls_shell.wR_factor_all                    ? 
_refine_ls_shell.wR_factor_obs                    ? 
_refine_ls_shell.wR_factor_R_free                 ? 
_refine_ls_shell.wR_factor_R_work                 ? 
_refine_ls_shell.pdbx_R_complete                  ? 
_refine_ls_shell.pdbx_total_number_of_bins_used   ? 
_refine_ls_shell.pdbx_phase_error                 ? 
_refine_ls_shell.pdbx_fsc_work                    ? 
_refine_ls_shell.pdbx_fsc_free                    ? 
# 
_struct.entry_id                     7OOS 
_struct.title                        'The crystal structure of a DNA:RNA hybrid duplex sequence CTTTTCTTTG' 
_struct.pdbx_model_details           ? 
_struct.pdbx_formula_weight          ? 
_struct.pdbx_formula_weight_method   ? 
_struct.pdbx_model_type_details      ? 
_struct.pdbx_CASP_flag               N 
# 
_struct_keywords.entry_id        7OOS 
_struct_keywords.text            'Amide-LNA, duplex, DNA:RNA, unmodified, DNA-RNA HYBRID' 
_struct_keywords.pdbx_keywords   'DNA-RNA HYBRID' 
# 
loop_
_struct_asym.id 
_struct_asym.pdbx_blank_PDB_chainid_flag 
_struct_asym.pdbx_modified 
_struct_asym.entity_id 
_struct_asym.details 
A N N 1 ? 
B N N 2 ? 
C N N 3 ? 
D N N 3 ? 
E N N 4 ? 
F N N 4 ? 
# 
loop_
_struct_ref.id 
_struct_ref.db_name 
_struct_ref.db_code 
_struct_ref.pdbx_db_accession 
_struct_ref.pdbx_db_isoform 
_struct_ref.entity_id 
_struct_ref.pdbx_seq_one_letter_code 
_struct_ref.pdbx_align_begin 
1 PDB 7OOS 7OOS ? 1 ? 1 
2 PDB 7OOS 7OOS ? 2 ? 1 
# 
loop_
_struct_ref_seq.align_id 
_struct_ref_seq.ref_id 
_struct_ref_seq.pdbx_PDB_id_code 
_struct_ref_seq.pdbx_strand_id 
_struct_ref_seq.seq_align_beg 
_struct_ref_seq.pdbx_seq_align_beg_ins_code 
_struct_ref_seq.seq_align_end 
_struct_ref_seq.pdbx_seq_align_end_ins_code 
_struct_ref_seq.pdbx_db_accession 
_struct_ref_seq.db_align_beg 
_struct_ref_seq.pdbx_db_align_beg_ins_code 
_struct_ref_seq.db_align_end 
_struct_ref_seq.pdbx_db_align_end_ins_code 
_struct_ref_seq.pdbx_auth_seq_align_beg 
_struct_ref_seq.pdbx_auth_seq_align_end 
1 1 7OOS A 1 ? 10 ? 7OOS 1  ? 10 ? 1  10 
2 2 7OOS B 1 ? 9  ? 7OOS 11 ? 19 ? 11 19 
# 
_pdbx_struct_assembly.id                   1 
_pdbx_struct_assembly.details              author_and_software_defined_assembly 
_pdbx_struct_assembly.method_details       PISA 
_pdbx_struct_assembly.oligomeric_details   dimeric 
_pdbx_struct_assembly.oligomeric_count     2 
# 
loop_
_pdbx_struct_assembly_prop.biol_id 
_pdbx_struct_assembly_prop.type 
_pdbx_struct_assembly_prop.value 
_pdbx_struct_assembly_prop.details 
1 'ABSA (A^2)' 1320 ? 
1 MORE         -47  ? 
1 'SSA (A^2)'  3830 ? 
# 
_pdbx_struct_assembly_gen.assembly_id       1 
_pdbx_struct_assembly_gen.oper_expression   1 
_pdbx_struct_assembly_gen.asym_id_list      A,B,C,D,E,F 
# 
_pdbx_struct_assembly_auth_evidence.id                     1 
_pdbx_struct_assembly_auth_evidence.assembly_id            1 
_pdbx_struct_assembly_auth_evidence.experimental_support   'light scattering' 
_pdbx_struct_assembly_auth_evidence.details                'UV thermal melting' 
# 
_pdbx_struct_oper_list.id                   1 
_pdbx_struct_oper_list.type                 'identity operation' 
_pdbx_struct_oper_list.name                 1_555 
_pdbx_struct_oper_list.symmetry_operation   x,y,z 
_pdbx_struct_oper_list.matrix[1][1]         1.0000000000 
_pdbx_struct_oper_list.matrix[1][2]         0.0000000000 
_pdbx_struct_oper_list.matrix[1][3]         0.0000000000 
_pdbx_struct_oper_list.vector[1]            0.0000000000 
_pdbx_struct_oper_list.matrix[2][1]         0.0000000000 
_pdbx_struct_oper_list.matrix[2][2]         1.0000000000 
_pdbx_struct_oper_list.matrix[2][3]         0.0000000000 
_pdbx_struct_oper_list.vector[2]            0.0000000000 
_pdbx_struct_oper_list.matrix[3][1]         0.0000000000 
_pdbx_struct_oper_list.matrix[3][2]         0.0000000000 
_pdbx_struct_oper_list.matrix[3][3]         1.0000000000 
_pdbx_struct_oper_list.vector[3]            0.0000000000 
# 
loop_
_struct_conn.id 
_struct_conn.conn_type_id 
_struct_conn.pdbx_leaving_atom_flag 
_struct_conn.pdbx_PDB_id 
_struct_conn.ptnr1_label_asym_id 
_struct_conn.ptnr1_label_comp_id 
_struct_conn.ptnr1_label_seq_id 
_struct_conn.ptnr1_label_atom_id 
_struct_conn.pdbx_ptnr1_label_alt_id 
_struct_conn.pdbx_ptnr1_PDB_ins_code 
_struct_conn.pdbx_ptnr1_standard_comp_id 
_struct_conn.ptnr1_symmetry 
_struct_conn.ptnr2_label_asym_id 
_struct_conn.ptnr2_label_comp_id 
_struct_conn.ptnr2_label_seq_id 
_struct_conn.ptnr2_label_atom_id 
_struct_conn.pdbx_ptnr2_label_alt_id 
_struct_conn.pdbx_ptnr2_PDB_ins_code 
_struct_conn.ptnr1_auth_asym_id 
_struct_conn.ptnr1_auth_comp_id 
_struct_conn.ptnr1_auth_seq_id 
_struct_conn.ptnr2_auth_asym_id 
_struct_conn.ptnr2_auth_comp_id 
_struct_conn.ptnr2_auth_seq_id 
_struct_conn.ptnr2_symmetry 
_struct_conn.pdbx_ptnr3_label_atom_id 
_struct_conn.pdbx_ptnr3_label_seq_id 
_struct_conn.pdbx_ptnr3_label_comp_id 
_struct_conn.pdbx_ptnr3_label_asym_id 
_struct_conn.pdbx_ptnr3_label_alt_id 
_struct_conn.pdbx_ptnr3_PDB_ins_code 
_struct_conn.details 
_struct_conn.pdbx_dist_value 
_struct_conn.pdbx_value_order 
_struct_conn.pdbx_role 
covale1  covale both ? B DT  2  "O3'" ? ? ? 1_555 B 05K 3 P  ? ? B DT  12  B 05K 13  1_555 ? ? ? ? ? ? ?            1.584 ? ? 
covale2  covale both ? B 05K 3  "O3'" ? ? ? 1_555 B DT  4 P  ? ? B 05K 13  B DT  14  1_555 ? ? ? ? ? ? ?            1.632 ? ? 
metalc1  metalc ?    ? C SR  .  SR    ? ? ? 1_555 F HOH . O  ? ? A SR  101 B HOH 101 4_454 ? ? ? ? ? ? ?            2.964 ? ? 
hydrog1  hydrog ?    ? A C   1  N3    ? ? ? 1_555 B DG  9 N1 ? ? A C   1   B DG  19  1_555 ? ? ? ? ? ? WATSON-CRICK ?     ? ? 
hydrog2  hydrog ?    ? A C   1  N4    ? ? ? 1_555 B DG  9 O6 ? ? A C   1   B DG  19  1_555 ? ? ? ? ? ? WATSON-CRICK ?     ? ? 
hydrog3  hydrog ?    ? A C   1  O2    ? ? ? 1_555 B DG  9 N2 ? ? A C   1   B DG  19  1_555 ? ? ? ? ? ? WATSON-CRICK ?     ? ? 
hydrog4  hydrog ?    ? A A   2  N1    ? ? ? 1_555 B DT  8 N3 ? ? A A   2   B DT  18  1_555 ? ? ? ? ? ? WATSON-CRICK ?     ? ? 
hydrog5  hydrog ?    ? A A   2  N6    ? ? ? 1_555 B DT  8 O4 ? ? A A   2   B DT  18  1_555 ? ? ? ? ? ? WATSON-CRICK ?     ? ? 
hydrog6  hydrog ?    ? A A   3  N1    ? ? ? 1_555 B DT  7 N3 ? ? A A   3   B DT  17  1_555 ? ? ? ? ? ? WATSON-CRICK ?     ? ? 
hydrog7  hydrog ?    ? A A   3  N6    ? ? ? 1_555 B DT  7 O4 ? ? A A   3   B DT  17  1_555 ? ? ? ? ? ? WATSON-CRICK ?     ? ? 
hydrog8  hydrog ?    ? A A   4  N1    ? ? ? 1_555 B DT  6 N3 ? ? A A   4   B DT  16  1_555 ? ? ? ? ? ? WATSON-CRICK ?     ? ? 
hydrog9  hydrog ?    ? A A   4  N6    ? ? ? 1_555 B DT  6 O4 ? ? A A   4   B DT  16  1_555 ? ? ? ? ? ? WATSON-CRICK ?     ? ? 
hydrog10 hydrog ?    ? A G   5  N1    ? ? ? 1_555 B DC  5 N3 ? ? A G   5   B DC  15  1_555 ? ? ? ? ? ? WATSON-CRICK ?     ? ? 
hydrog11 hydrog ?    ? A G   5  N2    ? ? ? 1_555 B DC  5 O2 ? ? A G   5   B DC  15  1_555 ? ? ? ? ? ? WATSON-CRICK ?     ? ? 
hydrog12 hydrog ?    ? A G   5  O6    ? ? ? 1_555 B DC  5 N4 ? ? A G   5   B DC  15  1_555 ? ? ? ? ? ? WATSON-CRICK ?     ? ? 
hydrog13 hydrog ?    ? A A   6  N1    ? ? ? 1_555 B DT  4 N3 ? ? A A   6   B DT  14  1_555 ? ? ? ? ? ? WATSON-CRICK ?     ? ? 
hydrog14 hydrog ?    ? A A   6  N6    ? ? ? 1_555 B DT  4 O4 ? ? A A   6   B DT  14  1_555 ? ? ? ? ? ? WATSON-CRICK ?     ? ? 
hydrog15 hydrog ?    ? A A   9  N1    ? ? ? 1_555 B DT  2 N3 ? ? A A   9   B DT  12  1_555 ? ? ? ? ? ? WATSON-CRICK ?     ? ? 
hydrog16 hydrog ?    ? A A   9  N6    ? ? ? 1_555 B DT  2 O4 ? ? A A   9   B DT  12  1_555 ? ? ? ? ? ? WATSON-CRICK ?     ? ? 
hydrog17 hydrog ?    ? A G   10 N1    ? ? ? 1_555 B DC  1 N3 ? ? A G   10  B DC  11  1_555 ? ? ? ? ? ? WATSON-CRICK ?     ? ? 
hydrog18 hydrog ?    ? A G   10 N2    ? ? ? 1_555 B DC  1 O2 ? ? A G   10  B DC  11  1_555 ? ? ? ? ? ? WATSON-CRICK ?     ? ? 
hydrog19 hydrog ?    ? A G   10 O6    ? ? ? 1_555 B DC  1 N4 ? ? A G   10  B DC  11  1_555 ? ? ? ? ? ? WATSON-CRICK ?     ? ? 
# 
loop_
_struct_conn_type.id 
_struct_conn_type.criteria 
_struct_conn_type.reference 
covale ? ? 
metalc ? ? 
hydrog ? ? 
# 
_pdbx_entry_details.entry_id                 7OOS 
_pdbx_entry_details.nonpolymer_details       ? 
_pdbx_entry_details.sequence_details         ? 
_pdbx_entry_details.compound_details         ? 
_pdbx_entry_details.source_details           ? 
_pdbx_entry_details.has_ligand_of_interest   Y 
# 
loop_
_chem_comp_atom.comp_id 
_chem_comp_atom.atom_id 
_chem_comp_atom.type_symbol 
_chem_comp_atom.pdbx_aromatic_flag 
_chem_comp_atom.pdbx_stereo_config 
_chem_comp_atom.pdbx_ordinal 
05K C1     C  N N 1   
05K "C1'"  C  N R 2   
05K C5A    C  N N 3   
05K C2     C  N N 4   
05K "C2'"  C  N N 5   
05K C21    C  N N 6   
05K "C3'"  C  N S 7   
05K C4     C  N N 8   
05K "C4'"  C  N R 9   
05K C41    C  N N 10  
05K C5     C  N N 11  
05K "C5'"  C  N N 12  
05K C51    C  N N 13  
05K C6     C  N N 14  
05K C61    C  N N 15  
05K C5M    C  N N 16  
05K C11    C  N N 17  
05K N1     N  N N 18  
05K N11    N  N N 19  
05K N3     N  N N 20  
05K N31    N  N N 21  
05K "N5'"  N  N N 22  
05K O2     O  N N 23  
05K O21    O  N N 24  
05K O1     O  N N 25  
05K "O3'"  O  N N 26  
05K O4     O  N N 27  
05K "O4'"  O  N N 28  
05K O41    O  N N 29  
05K "O5'"  O  N N 30  
05K OP1    O  N N 31  
05K OP2    O  N N 32  
05K P      P  N N 33  
05K "C1'1" C  N R 34  
05K "C2'1" C  N N 35  
05K "C3'1" C  N R 36  
05K "C4'1" C  N S 37  
05K "C5'1" C  N N 38  
05K "O4'1" O  N N 39  
05K "H1'"  H  N N 40  
05K H5A1   H  N N 41  
05K H5A2   H  N N 42  
05K H5A3   H  N N 43  
05K "H2'1" H  N N 44  
05K "H2'2" H  N N 45  
05K "H3'"  H  N N 46  
05K "H4'"  H  N N 47  
05K "H5'1" H  N N 48  
05K "H5'2" H  N N 49  
05K H6     H  N N 50  
05K H61    H  N N 51  
05K H52    H  N N 52  
05K H53    H  N N 53  
05K H51    H  N N 54  
05K H2     H  N N 55  
05K H3     H  N N 56  
05K HN3    H  N N 57  
05K H31    H  N N 58  
05K "HN5'" H  N N 59  
05K "HO3'" H  N N 60  
05K HOP2   H  N N 61  
05K H1     H  N N 62  
05K HC22   H  N N 63  
05K HC21   H  N N 64  
05K "H3'1" H  N N 65  
05K HC41   H  N N 66  
05K HC51   H  N N 67  
05K HC52   H  N N 68  
05K OP3    O  N N 69  
05K HOP3   H  N N 70  
A   OP3    O  N N 71  
A   P      P  N N 72  
A   OP1    O  N N 73  
A   OP2    O  N N 74  
A   "O5'"  O  N N 75  
A   "C5'"  C  N N 76  
A   "C4'"  C  N R 77  
A   "O4'"  O  N N 78  
A   "C3'"  C  N S 79  
A   "O3'"  O  N N 80  
A   "C2'"  C  N R 81  
A   "O2'"  O  N N 82  
A   "C1'"  C  N R 83  
A   N9     N  Y N 84  
A   C8     C  Y N 85  
A   N7     N  Y N 86  
A   C5     C  Y N 87  
A   C6     C  Y N 88  
A   N6     N  N N 89  
A   N1     N  Y N 90  
A   C2     C  Y N 91  
A   N3     N  Y N 92  
A   C4     C  Y N 93  
A   HOP3   H  N N 94  
A   HOP2   H  N N 95  
A   "H5'"  H  N N 96  
A   "H5''" H  N N 97  
A   "H4'"  H  N N 98  
A   "H3'"  H  N N 99  
A   "HO3'" H  N N 100 
A   "H2'"  H  N N 101 
A   "HO2'" H  N N 102 
A   "H1'"  H  N N 103 
A   H8     H  N N 104 
A   H61    H  N N 105 
A   H62    H  N N 106 
A   H2     H  N N 107 
C   OP3    O  N N 108 
C   P      P  N N 109 
C   OP1    O  N N 110 
C   OP2    O  N N 111 
C   "O5'"  O  N N 112 
C   "C5'"  C  N N 113 
C   "C4'"  C  N R 114 
C   "O4'"  O  N N 115 
C   "C3'"  C  N S 116 
C   "O3'"  O  N N 117 
C   "C2'"  C  N R 118 
C   "O2'"  O  N N 119 
C   "C1'"  C  N R 120 
C   N1     N  N N 121 
C   C2     C  N N 122 
C   O2     O  N N 123 
C   N3     N  N N 124 
C   C4     C  N N 125 
C   N4     N  N N 126 
C   C5     C  N N 127 
C   C6     C  N N 128 
C   HOP3   H  N N 129 
C   HOP2   H  N N 130 
C   "H5'"  H  N N 131 
C   "H5''" H  N N 132 
C   "H4'"  H  N N 133 
C   "H3'"  H  N N 134 
C   "HO3'" H  N N 135 
C   "H2'"  H  N N 136 
C   "HO2'" H  N N 137 
C   "H1'"  H  N N 138 
C   H41    H  N N 139 
C   H42    H  N N 140 
C   H5     H  N N 141 
C   H6     H  N N 142 
DC  OP3    O  N N 143 
DC  P      P  N N 144 
DC  OP1    O  N N 145 
DC  OP2    O  N N 146 
DC  "O5'"  O  N N 147 
DC  "C5'"  C  N N 148 
DC  "C4'"  C  N R 149 
DC  "O4'"  O  N N 150 
DC  "C3'"  C  N S 151 
DC  "O3'"  O  N N 152 
DC  "C2'"  C  N N 153 
DC  "C1'"  C  N R 154 
DC  N1     N  N N 155 
DC  C2     C  N N 156 
DC  O2     O  N N 157 
DC  N3     N  N N 158 
DC  C4     C  N N 159 
DC  N4     N  N N 160 
DC  C5     C  N N 161 
DC  C6     C  N N 162 
DC  HOP3   H  N N 163 
DC  HOP2   H  N N 164 
DC  "H5'"  H  N N 165 
DC  "H5''" H  N N 166 
DC  "H4'"  H  N N 167 
DC  "H3'"  H  N N 168 
DC  "HO3'" H  N N 169 
DC  "H2'"  H  N N 170 
DC  "H2''" H  N N 171 
DC  "H1'"  H  N N 172 
DC  H41    H  N N 173 
DC  H42    H  N N 174 
DC  H5     H  N N 175 
DC  H6     H  N N 176 
DG  OP3    O  N N 177 
DG  P      P  N N 178 
DG  OP1    O  N N 179 
DG  OP2    O  N N 180 
DG  "O5'"  O  N N 181 
DG  "C5'"  C  N N 182 
DG  "C4'"  C  N R 183 
DG  "O4'"  O  N N 184 
DG  "C3'"  C  N S 185 
DG  "O3'"  O  N N 186 
DG  "C2'"  C  N N 187 
DG  "C1'"  C  N R 188 
DG  N9     N  Y N 189 
DG  C8     C  Y N 190 
DG  N7     N  Y N 191 
DG  C5     C  Y N 192 
DG  C6     C  N N 193 
DG  O6     O  N N 194 
DG  N1     N  N N 195 
DG  C2     C  N N 196 
DG  N2     N  N N 197 
DG  N3     N  N N 198 
DG  C4     C  Y N 199 
DG  HOP3   H  N N 200 
DG  HOP2   H  N N 201 
DG  "H5'"  H  N N 202 
DG  "H5''" H  N N 203 
DG  "H4'"  H  N N 204 
DG  "H3'"  H  N N 205 
DG  "HO3'" H  N N 206 
DG  "H2'"  H  N N 207 
DG  "H2''" H  N N 208 
DG  "H1'"  H  N N 209 
DG  H8     H  N N 210 
DG  H1     H  N N 211 
DG  H21    H  N N 212 
DG  H22    H  N N 213 
DT  OP3    O  N N 214 
DT  P      P  N N 215 
DT  OP1    O  N N 216 
DT  OP2    O  N N 217 
DT  "O5'"  O  N N 218 
DT  "C5'"  C  N N 219 
DT  "C4'"  C  N R 220 
DT  "O4'"  O  N N 221 
DT  "C3'"  C  N S 222 
DT  "O3'"  O  N N 223 
DT  "C2'"  C  N N 224 
DT  "C1'"  C  N R 225 
DT  N1     N  N N 226 
DT  C2     C  N N 227 
DT  O2     O  N N 228 
DT  N3     N  N N 229 
DT  C4     C  N N 230 
DT  O4     O  N N 231 
DT  C5     C  N N 232 
DT  C7     C  N N 233 
DT  C6     C  N N 234 
DT  HOP3   H  N N 235 
DT  HOP2   H  N N 236 
DT  "H5'"  H  N N 237 
DT  "H5''" H  N N 238 
DT  "H4'"  H  N N 239 
DT  "H3'"  H  N N 240 
DT  "HO3'" H  N N 241 
DT  "H2'"  H  N N 242 
DT  "H2''" H  N N 243 
DT  "H1'"  H  N N 244 
DT  H3     H  N N 245 
DT  H71    H  N N 246 
DT  H72    H  N N 247 
DT  H73    H  N N 248 
DT  H6     H  N N 249 
G   OP3    O  N N 250 
G   P      P  N N 251 
G   OP1    O  N N 252 
G   OP2    O  N N 253 
G   "O5'"  O  N N 254 
G   "C5'"  C  N N 255 
G   "C4'"  C  N R 256 
G   "O4'"  O  N N 257 
G   "C3'"  C  N S 258 
G   "O3'"  O  N N 259 
G   "C2'"  C  N R 260 
G   "O2'"  O  N N 261 
G   "C1'"  C  N R 262 
G   N9     N  Y N 263 
G   C8     C  Y N 264 
G   N7     N  Y N 265 
G   C5     C  Y N 266 
G   C6     C  N N 267 
G   O6     O  N N 268 
G   N1     N  N N 269 
G   C2     C  N N 270 
G   N2     N  N N 271 
G   N3     N  N N 272 
G   C4     C  Y N 273 
G   HOP3   H  N N 274 
G   HOP2   H  N N 275 
G   "H5'"  H  N N 276 
G   "H5''" H  N N 277 
G   "H4'"  H  N N 278 
G   "H3'"  H  N N 279 
G   "HO3'" H  N N 280 
G   "H2'"  H  N N 281 
G   "HO2'" H  N N 282 
G   "H1'"  H  N N 283 
G   H8     H  N N 284 
G   H1     H  N N 285 
G   H21    H  N N 286 
G   H22    H  N N 287 
HOH O      O  N N 288 
HOH H1     H  N N 289 
HOH H2     H  N N 290 
SR  SR     SR N N 291 
# 
loop_
_chem_comp_bond.comp_id 
_chem_comp_bond.atom_id_1 
_chem_comp_bond.atom_id_2 
_chem_comp_bond.value_order 
_chem_comp_bond.pdbx_aromatic_flag 
_chem_comp_bond.pdbx_stereo_config 
_chem_comp_bond.pdbx_ordinal 
05K OP2    P      sing N N 1   
05K "C5'1" "C4'1" sing N N 2   
05K "C5'1" "O5'"  sing N N 3   
05K P      "O5'"  sing N N 4   
05K P      OP1    doub N N 5   
05K "C4'1" "O4'1" sing N N 6   
05K "C4'1" "C3'1" sing N N 7   
05K "O4'1" "C1'1" sing N N 8   
05K C11    "C3'1" sing N N 9   
05K C11    C1     sing N N 10  
05K "C3'1" "C2'1" sing N N 11  
05K "C1'1" "C2'1" sing N N 12  
05K "C1'1" N11    sing N N 13  
05K C61    N11    sing N N 14  
05K C61    C51    doub N N 15  
05K N11    C21    sing N N 16  
05K C1     O1     doub N N 17  
05K C1     "N5'"  sing N N 18  
05K C5A    C51    sing N N 19  
05K C51    C41    sing N N 20  
05K "N5'"  "C5'"  sing N N 21  
05K C21    O21    doub N N 22  
05K C21    N31    sing N N 23  
05K C41    N31    sing N N 24  
05K C41    O41    doub N N 25  
05K "C5'"  "C4'"  sing N N 26  
05K "O4'"  "C4'"  sing N N 27  
05K "O4'"  "C1'"  sing N N 28  
05K C5M    C5     sing N N 29  
05K "C4'"  "C3'"  sing N N 30  
05K C6     C5     doub N N 31  
05K C6     N1     sing N N 32  
05K C5     C4     sing N N 33  
05K "C1'"  N1     sing N N 34  
05K "C1'"  "C2'"  sing N N 35  
05K N1     C2     sing N N 36  
05K "C3'"  "C2'"  sing N N 37  
05K "C3'"  "O3'"  sing N N 38  
05K C4     O4     doub N N 39  
05K C4     N3     sing N N 40  
05K C2     N3     sing N N 41  
05K C2     O2     doub N N 42  
05K "C1'"  "H1'"  sing N N 43  
05K C5A    H5A1   sing N N 44  
05K C5A    H5A2   sing N N 45  
05K C5A    H5A3   sing N N 46  
05K "C2'"  "H2'1" sing N N 47  
05K "C2'"  "H2'2" sing N N 48  
05K "C3'"  "H3'"  sing N N 49  
05K "C4'"  "H4'"  sing N N 50  
05K "C5'"  "H5'1" sing N N 51  
05K "C5'"  "H5'2" sing N N 52  
05K C6     H6     sing N N 53  
05K C61    H61    sing N N 54  
05K C5M    H52    sing N N 55  
05K C5M    H53    sing N N 56  
05K C5M    H51    sing N N 57  
05K C11    H2     sing N N 58  
05K C11    H3     sing N N 59  
05K N3     HN3    sing N N 60  
05K N31    H31    sing N N 61  
05K "N5'"  "HN5'" sing N N 62  
05K "O3'"  "HO3'" sing N N 63  
05K OP2    HOP2   sing N N 64  
05K "C1'1" H1     sing N N 65  
05K "C2'1" HC22   sing N N 66  
05K "C2'1" HC21   sing N N 67  
05K "C3'1" "H3'1" sing N N 68  
05K "C4'1" HC41   sing N N 69  
05K "C5'1" HC51   sing N N 70  
05K "C5'1" HC52   sing N N 71  
05K P      OP3    sing N N 72  
05K OP3    HOP3   sing N N 73  
A   OP3    P      sing N N 74  
A   OP3    HOP3   sing N N 75  
A   P      OP1    doub N N 76  
A   P      OP2    sing N N 77  
A   P      "O5'"  sing N N 78  
A   OP2    HOP2   sing N N 79  
A   "O5'"  "C5'"  sing N N 80  
A   "C5'"  "C4'"  sing N N 81  
A   "C5'"  "H5'"  sing N N 82  
A   "C5'"  "H5''" sing N N 83  
A   "C4'"  "O4'"  sing N N 84  
A   "C4'"  "C3'"  sing N N 85  
A   "C4'"  "H4'"  sing N N 86  
A   "O4'"  "C1'"  sing N N 87  
A   "C3'"  "O3'"  sing N N 88  
A   "C3'"  "C2'"  sing N N 89  
A   "C3'"  "H3'"  sing N N 90  
A   "O3'"  "HO3'" sing N N 91  
A   "C2'"  "O2'"  sing N N 92  
A   "C2'"  "C1'"  sing N N 93  
A   "C2'"  "H2'"  sing N N 94  
A   "O2'"  "HO2'" sing N N 95  
A   "C1'"  N9     sing N N 96  
A   "C1'"  "H1'"  sing N N 97  
A   N9     C8     sing Y N 98  
A   N9     C4     sing Y N 99  
A   C8     N7     doub Y N 100 
A   C8     H8     sing N N 101 
A   N7     C5     sing Y N 102 
A   C5     C6     sing Y N 103 
A   C5     C4     doub Y N 104 
A   C6     N6     sing N N 105 
A   C6     N1     doub Y N 106 
A   N6     H61    sing N N 107 
A   N6     H62    sing N N 108 
A   N1     C2     sing Y N 109 
A   C2     N3     doub Y N 110 
A   C2     H2     sing N N 111 
A   N3     C4     sing Y N 112 
C   OP3    P      sing N N 113 
C   OP3    HOP3   sing N N 114 
C   P      OP1    doub N N 115 
C   P      OP2    sing N N 116 
C   P      "O5'"  sing N N 117 
C   OP2    HOP2   sing N N 118 
C   "O5'"  "C5'"  sing N N 119 
C   "C5'"  "C4'"  sing N N 120 
C   "C5'"  "H5'"  sing N N 121 
C   "C5'"  "H5''" sing N N 122 
C   "C4'"  "O4'"  sing N N 123 
C   "C4'"  "C3'"  sing N N 124 
C   "C4'"  "H4'"  sing N N 125 
C   "O4'"  "C1'"  sing N N 126 
C   "C3'"  "O3'"  sing N N 127 
C   "C3'"  "C2'"  sing N N 128 
C   "C3'"  "H3'"  sing N N 129 
C   "O3'"  "HO3'" sing N N 130 
C   "C2'"  "O2'"  sing N N 131 
C   "C2'"  "C1'"  sing N N 132 
C   "C2'"  "H2'"  sing N N 133 
C   "O2'"  "HO2'" sing N N 134 
C   "C1'"  N1     sing N N 135 
C   "C1'"  "H1'"  sing N N 136 
C   N1     C2     sing N N 137 
C   N1     C6     sing N N 138 
C   C2     O2     doub N N 139 
C   C2     N3     sing N N 140 
C   N3     C4     doub N N 141 
C   C4     N4     sing N N 142 
C   C4     C5     sing N N 143 
C   N4     H41    sing N N 144 
C   N4     H42    sing N N 145 
C   C5     C6     doub N N 146 
C   C5     H5     sing N N 147 
C   C6     H6     sing N N 148 
DC  OP3    P      sing N N 149 
DC  OP3    HOP3   sing N N 150 
DC  P      OP1    doub N N 151 
DC  P      OP2    sing N N 152 
DC  P      "O5'"  sing N N 153 
DC  OP2    HOP2   sing N N 154 
DC  "O5'"  "C5'"  sing N N 155 
DC  "C5'"  "C4'"  sing N N 156 
DC  "C5'"  "H5'"  sing N N 157 
DC  "C5'"  "H5''" sing N N 158 
DC  "C4'"  "O4'"  sing N N 159 
DC  "C4'"  "C3'"  sing N N 160 
DC  "C4'"  "H4'"  sing N N 161 
DC  "O4'"  "C1'"  sing N N 162 
DC  "C3'"  "O3'"  sing N N 163 
DC  "C3'"  "C2'"  sing N N 164 
DC  "C3'"  "H3'"  sing N N 165 
DC  "O3'"  "HO3'" sing N N 166 
DC  "C2'"  "C1'"  sing N N 167 
DC  "C2'"  "H2'"  sing N N 168 
DC  "C2'"  "H2''" sing N N 169 
DC  "C1'"  N1     sing N N 170 
DC  "C1'"  "H1'"  sing N N 171 
DC  N1     C2     sing N N 172 
DC  N1     C6     sing N N 173 
DC  C2     O2     doub N N 174 
DC  C2     N3     sing N N 175 
DC  N3     C4     doub N N 176 
DC  C4     N4     sing N N 177 
DC  C4     C5     sing N N 178 
DC  N4     H41    sing N N 179 
DC  N4     H42    sing N N 180 
DC  C5     C6     doub N N 181 
DC  C5     H5     sing N N 182 
DC  C6     H6     sing N N 183 
DG  OP3    P      sing N N 184 
DG  OP3    HOP3   sing N N 185 
DG  P      OP1    doub N N 186 
DG  P      OP2    sing N N 187 
DG  P      "O5'"  sing N N 188 
DG  OP2    HOP2   sing N N 189 
DG  "O5'"  "C5'"  sing N N 190 
DG  "C5'"  "C4'"  sing N N 191 
DG  "C5'"  "H5'"  sing N N 192 
DG  "C5'"  "H5''" sing N N 193 
DG  "C4'"  "O4'"  sing N N 194 
DG  "C4'"  "C3'"  sing N N 195 
DG  "C4'"  "H4'"  sing N N 196 
DG  "O4'"  "C1'"  sing N N 197 
DG  "C3'"  "O3'"  sing N N 198 
DG  "C3'"  "C2'"  sing N N 199 
DG  "C3'"  "H3'"  sing N N 200 
DG  "O3'"  "HO3'" sing N N 201 
DG  "C2'"  "C1'"  sing N N 202 
DG  "C2'"  "H2'"  sing N N 203 
DG  "C2'"  "H2''" sing N N 204 
DG  "C1'"  N9     sing N N 205 
DG  "C1'"  "H1'"  sing N N 206 
DG  N9     C8     sing Y N 207 
DG  N9     C4     sing Y N 208 
DG  C8     N7     doub Y N 209 
DG  C8     H8     sing N N 210 
DG  N7     C5     sing Y N 211 
DG  C5     C6     sing N N 212 
DG  C5     C4     doub Y N 213 
DG  C6     O6     doub N N 214 
DG  C6     N1     sing N N 215 
DG  N1     C2     sing N N 216 
DG  N1     H1     sing N N 217 
DG  C2     N2     sing N N 218 
DG  C2     N3     doub N N 219 
DG  N2     H21    sing N N 220 
DG  N2     H22    sing N N 221 
DG  N3     C4     sing N N 222 
DT  OP3    P      sing N N 223 
DT  OP3    HOP3   sing N N 224 
DT  P      OP1    doub N N 225 
DT  P      OP2    sing N N 226 
DT  P      "O5'"  sing N N 227 
DT  OP2    HOP2   sing N N 228 
DT  "O5'"  "C5'"  sing N N 229 
DT  "C5'"  "C4'"  sing N N 230 
DT  "C5'"  "H5'"  sing N N 231 
DT  "C5'"  "H5''" sing N N 232 
DT  "C4'"  "O4'"  sing N N 233 
DT  "C4'"  "C3'"  sing N N 234 
DT  "C4'"  "H4'"  sing N N 235 
DT  "O4'"  "C1'"  sing N N 236 
DT  "C3'"  "O3'"  sing N N 237 
DT  "C3'"  "C2'"  sing N N 238 
DT  "C3'"  "H3'"  sing N N 239 
DT  "O3'"  "HO3'" sing N N 240 
DT  "C2'"  "C1'"  sing N N 241 
DT  "C2'"  "H2'"  sing N N 242 
DT  "C2'"  "H2''" sing N N 243 
DT  "C1'"  N1     sing N N 244 
DT  "C1'"  "H1'"  sing N N 245 
DT  N1     C2     sing N N 246 
DT  N1     C6     sing N N 247 
DT  C2     O2     doub N N 248 
DT  C2     N3     sing N N 249 
DT  N3     C4     sing N N 250 
DT  N3     H3     sing N N 251 
DT  C4     O4     doub N N 252 
DT  C4     C5     sing N N 253 
DT  C5     C7     sing N N 254 
DT  C5     C6     doub N N 255 
DT  C7     H71    sing N N 256 
DT  C7     H72    sing N N 257 
DT  C7     H73    sing N N 258 
DT  C6     H6     sing N N 259 
G   OP3    P      sing N N 260 
G   OP3    HOP3   sing N N 261 
G   P      OP1    doub N N 262 
G   P      OP2    sing N N 263 
G   P      "O5'"  sing N N 264 
G   OP2    HOP2   sing N N 265 
G   "O5'"  "C5'"  sing N N 266 
G   "C5'"  "C4'"  sing N N 267 
G   "C5'"  "H5'"  sing N N 268 
G   "C5'"  "H5''" sing N N 269 
G   "C4'"  "O4'"  sing N N 270 
G   "C4'"  "C3'"  sing N N 271 
G   "C4'"  "H4'"  sing N N 272 
G   "O4'"  "C1'"  sing N N 273 
G   "C3'"  "O3'"  sing N N 274 
G   "C3'"  "C2'"  sing N N 275 
G   "C3'"  "H3'"  sing N N 276 
G   "O3'"  "HO3'" sing N N 277 
G   "C2'"  "O2'"  sing N N 278 
G   "C2'"  "C1'"  sing N N 279 
G   "C2'"  "H2'"  sing N N 280 
G   "O2'"  "HO2'" sing N N 281 
G   "C1'"  N9     sing N N 282 
G   "C1'"  "H1'"  sing N N 283 
G   N9     C8     sing Y N 284 
G   N9     C4     sing Y N 285 
G   C8     N7     doub Y N 286 
G   C8     H8     sing N N 287 
G   N7     C5     sing Y N 288 
G   C5     C6     sing N N 289 
G   C5     C4     doub Y N 290 
G   C6     O6     doub N N 291 
G   C6     N1     sing N N 292 
G   N1     C2     sing N N 293 
G   N1     H1     sing N N 294 
G   C2     N2     sing N N 295 
G   C2     N3     doub N N 296 
G   N2     H21    sing N N 297 
G   N2     H22    sing N N 298 
G   N3     C4     sing N N 299 
HOH O      H1     sing N N 300 
HOH O      H2     sing N N 301 
# 
_ndb_struct_conf_na.entry_id   7OOS 
_ndb_struct_conf_na.feature    'a-form double helix' 
# 
loop_
_ndb_struct_na_base_pair.model_number 
_ndb_struct_na_base_pair.i_label_asym_id 
_ndb_struct_na_base_pair.i_label_comp_id 
_ndb_struct_na_base_pair.i_label_seq_id 
_ndb_struct_na_base_pair.i_symmetry 
_ndb_struct_na_base_pair.j_label_asym_id 
_ndb_struct_na_base_pair.j_label_comp_id 
_ndb_struct_na_base_pair.j_label_seq_id 
_ndb_struct_na_base_pair.j_symmetry 
_ndb_struct_na_base_pair.shear 
_ndb_struct_na_base_pair.stretch 
_ndb_struct_na_base_pair.stagger 
_ndb_struct_na_base_pair.buckle 
_ndb_struct_na_base_pair.propeller 
_ndb_struct_na_base_pair.opening 
_ndb_struct_na_base_pair.pair_number 
_ndb_struct_na_base_pair.pair_name 
_ndb_struct_na_base_pair.i_auth_asym_id 
_ndb_struct_na_base_pair.i_auth_seq_id 
_ndb_struct_na_base_pair.i_PDB_ins_code 
_ndb_struct_na_base_pair.j_auth_asym_id 
_ndb_struct_na_base_pair.j_auth_seq_id 
_ndb_struct_na_base_pair.j_PDB_ins_code 
_ndb_struct_na_base_pair.hbond_type_28 
_ndb_struct_na_base_pair.hbond_type_12 
1 A C 1  1_555 B DG 9 1_555 -0.305 -0.437 0.561  -15.288 -1.739  -4.360 1 A_C1:DG19_B  A 1  ? B 19 ? 19 1 
1 A A 2  1_555 B DT 8 1_555 -0.535 -0.048 -0.006 -3.418  -20.079 0.207  2 A_A2:DT18_B  A 2  ? B 18 ? 20 1 
1 A A 3  1_555 B DT 7 1_555 0.212  0.076  0.363  -1.035  -16.070 4.570  3 A_A3:DT17_B  A 3  ? B 17 ? 20 1 
1 A A 4  1_555 B DT 6 1_555 -0.356 -0.335 0.053  -5.984  -7.096  2.592  4 A_A4:DT16_B  A 4  ? B 16 ? 20 1 
1 A G 5  1_555 B DC 5 1_555 -0.250 -0.233 -0.226 -9.562  -1.537  -0.556 5 A_G5:DC15_B  A 5  ? B 15 ? 19 1 
1 A A 6  1_555 B DT 4 1_555 0.055  -0.274 -0.074 -7.598  -5.862  0.118  6 A_A6:DT14_B  A 6  ? B 14 ? 20 1 
1 A A 9  1_555 B DT 2 1_555 -0.184 0.022  0.226  1.965   -11.631 7.234  7 A_A9:DT12_B  A 9  ? B 12 ? 20 1 
1 A G 10 1_555 B DC 1 1_555 -0.341 -0.080 -0.207 5.232   0.575   3.849  8 A_G10:DC11_B A 10 ? B 11 ? 19 1 
# 
loop_
_ndb_struct_na_base_pair_step.model_number 
_ndb_struct_na_base_pair_step.i_label_asym_id_1 
_ndb_struct_na_base_pair_step.i_label_comp_id_1 
_ndb_struct_na_base_pair_step.i_label_seq_id_1 
_ndb_struct_na_base_pair_step.i_symmetry_1 
_ndb_struct_na_base_pair_step.j_label_asym_id_1 
_ndb_struct_na_base_pair_step.j_label_comp_id_1 
_ndb_struct_na_base_pair_step.j_label_seq_id_1 
_ndb_struct_na_base_pair_step.j_symmetry_1 
_ndb_struct_na_base_pair_step.i_label_asym_id_2 
_ndb_struct_na_base_pair_step.i_label_comp_id_2 
_ndb_struct_na_base_pair_step.i_label_seq_id_2 
_ndb_struct_na_base_pair_step.i_symmetry_2 
_ndb_struct_na_base_pair_step.j_label_asym_id_2 
_ndb_struct_na_base_pair_step.j_label_comp_id_2 
_ndb_struct_na_base_pair_step.j_label_seq_id_2 
_ndb_struct_na_base_pair_step.j_symmetry_2 
_ndb_struct_na_base_pair_step.shift 
_ndb_struct_na_base_pair_step.slide 
_ndb_struct_na_base_pair_step.rise 
_ndb_struct_na_base_pair_step.tilt 
_ndb_struct_na_base_pair_step.roll 
_ndb_struct_na_base_pair_step.twist 
_ndb_struct_na_base_pair_step.x_displacement 
_ndb_struct_na_base_pair_step.y_displacement 
_ndb_struct_na_base_pair_step.helical_rise 
_ndb_struct_na_base_pair_step.inclination 
_ndb_struct_na_base_pair_step.tip 
_ndb_struct_na_base_pair_step.helical_twist 
_ndb_struct_na_base_pair_step.step_number 
_ndb_struct_na_base_pair_step.step_name 
_ndb_struct_na_base_pair_step.i_auth_asym_id_1 
_ndb_struct_na_base_pair_step.i_auth_seq_id_1 
_ndb_struct_na_base_pair_step.i_PDB_ins_code_1 
_ndb_struct_na_base_pair_step.j_auth_asym_id_1 
_ndb_struct_na_base_pair_step.j_auth_seq_id_1 
_ndb_struct_na_base_pair_step.j_PDB_ins_code_1 
_ndb_struct_na_base_pair_step.i_auth_asym_id_2 
_ndb_struct_na_base_pair_step.i_auth_seq_id_2 
_ndb_struct_na_base_pair_step.i_PDB_ins_code_2 
_ndb_struct_na_base_pair_step.j_auth_asym_id_2 
_ndb_struct_na_base_pair_step.j_auth_seq_id_2 
_ndb_struct_na_base_pair_step.j_PDB_ins_code_2 
1 A C 1 1_555 B DG 9 1_555 A A 2  1_555 B DT 8 1_555 0.732  -1.617 2.852 5.242  10.203 26.593 -5.061 -0.529 2.197 20.984 -10.780 
28.920 1 AA_C1A2:DT18DG19_BB  A 1 ? B 19 ? A 2  ? B 18 ? 
1 A A 2 1_555 B DT 8 1_555 A A 3  1_555 B DT 7 1_555 0.217  -1.009 3.143 -2.719 2.054  38.882 -1.746 -0.637 3.067 3.078  4.076   
39.026 2 AA_A2A3:DT17DT18_BB  A 2 ? B 18 ? A 3  ? B 17 ? 
1 A A 3 1_555 B DT 7 1_555 A A 4  1_555 B DT 6 1_555 -0.112 -1.590 3.363 -1.016 6.592  29.188 -4.411 0.011  2.943 12.869 1.984   
29.924 3 AA_A3A4:DT16DT17_BB  A 3 ? B 17 ? A 4  ? B 16 ? 
1 A A 4 1_555 B DT 6 1_555 A G 5  1_555 B DC 5 1_555 -0.663 -1.604 3.419 -2.197 8.106  32.050 -4.175 0.796  2.974 14.376 3.896   
33.105 4 AA_A4G5:DC15DT16_BB  A 4 ? B 16 ? A 5  ? B 15 ? 
1 A G 5 1_555 B DC 5 1_555 A A 6  1_555 B DT 4 1_555 0.390  -1.615 3.216 1.416  9.911  31.423 -4.391 -0.468 2.614 17.744 -2.535  
32.941 5 AA_G5A6:DT14DC15_BB  A 5 ? B 15 ? A 6  ? B 14 ? 
1 A A 9 1_555 B DT 2 1_555 A G 10 1_555 B DC 1 1_555 0.364  -2.026 3.227 1.928  4.453  26.045 -5.529 -0.314 2.865 9.773  -4.231  
26.485 6 AA_A9G10:DC11DT12_BB A 9 ? B 12 ? A 10 ? B 11 ? 
# 
_pdbx_audit_support.funding_organization   'Biotechnology and Biological Sciences Research Council (BBSRC)' 
_pdbx_audit_support.country                'United Kingdom' 
_pdbx_audit_support.grant_number           BB/S018794/1 
_pdbx_audit_support.ordinal                1 
# 
_pdbx_entity_instance_feature.ordinal        1 
_pdbx_entity_instance_feature.comp_id        05K 
_pdbx_entity_instance_feature.asym_id        ? 
_pdbx_entity_instance_feature.seq_num        ? 
_pdbx_entity_instance_feature.auth_comp_id   05K 
_pdbx_entity_instance_feature.auth_asym_id   ? 
_pdbx_entity_instance_feature.auth_seq_num   ? 
_pdbx_entity_instance_feature.feature_type   'SUBJECT OF INVESTIGATION' 
_pdbx_entity_instance_feature.details        ? 
# 
_pdbx_initial_refinement_model.id               1 
_pdbx_initial_refinement_model.entity_id_list   ? 
_pdbx_initial_refinement_model.type             'experimental model' 
_pdbx_initial_refinement_model.source_name      PDB 
_pdbx_initial_refinement_model.accession_code   7NRP 
_pdbx_initial_refinement_model.details          ? 
# 
_atom_sites.entry_id                    7OOS 
_atom_sites.Cartn_transf_matrix[1][1]   ? 
_atom_sites.Cartn_transf_matrix[1][2]   ? 
_atom_sites.Cartn_transf_matrix[1][3]   ? 
_atom_sites.Cartn_transf_matrix[2][1]   ? 
_atom_sites.Cartn_transf_matrix[2][2]   ? 
_atom_sites.Cartn_transf_matrix[2][3]   ? 
_atom_sites.Cartn_transf_matrix[3][1]   ? 
_atom_sites.Cartn_transf_matrix[3][2]   ? 
_atom_sites.Cartn_transf_matrix[3][3]   ? 
_atom_sites.Cartn_transf_vector[1]      ? 
_atom_sites.Cartn_transf_vector[2]      ? 
_atom_sites.Cartn_transf_vector[3]      ? 
_atom_sites.fract_transf_matrix[1][1]   -0.00754245 
_atom_sites.fract_transf_matrix[1][2]   -0.01902567 
_atom_sites.fract_transf_matrix[1][3]   0.00443751 
_atom_sites.fract_transf_matrix[2][1]   -0.00321194 
_atom_sites.fract_transf_matrix[2][2]   -0.00560583 
_atom_sites.fract_transf_matrix[2][3]   0.01991943 
_atom_sites.fract_transf_matrix[3][1]   -0.02028671 
_atom_sites.fract_transf_matrix[3][2]   0.00779079 
_atom_sites.fract_transf_matrix[3][3]   -0.00107864 
_atom_sites.fract_transf_vector[1]      -0.458168 
_atom_sites.fract_transf_vector[2]      -0.050388 
_atom_sites.fract_transf_vector[3]      -0.006759 
_atom_sites.solution_primary            ? 
_atom_sites.solution_secondary          ? 
_atom_sites.solution_hydrogens          ? 
_atom_sites.special_details             ? 
# 
loop_
_atom_type.symbol 
C  
N  
O  
P  
SR 
# 
loop_
_atom_site.group_PDB 
_atom_site.id 
_atom_site.type_symbol 
_atom_site.label_atom_id 
_atom_site.label_alt_id 
_atom_site.label_comp_id 
_atom_site.label_asym_id 
_atom_site.label_entity_id 
_atom_site.label_seq_id 
_atom_site.pdbx_PDB_ins_code 
_atom_site.Cartn_x 
_atom_site.Cartn_y 
_atom_site.Cartn_z 
_atom_site.occupancy 
_atom_site.B_iso_or_equiv 
_atom_site.pdbx_formal_charge 
_atom_site.auth_seq_id 
_atom_site.auth_comp_id 
_atom_site.auth_asym_id 
_atom_site.auth_atom_id 
_atom_site.pdbx_PDB_model_num 
ATOM   1   O  "O5'"  . C   A 1 1  ? 0.176   -10.251 -13.361 1.00 101.11 ? 1   C   A "O5'"  1 
ATOM   2   C  "C5'"  . C   A 1 1  ? 0.715   -9.227  -12.539 1.00 89.72  ? 1   C   A "C5'"  1 
ATOM   3   C  "C4'"  . C   A 1 1  ? 0.883   -7.937  -13.303 1.00 81.25  ? 1   C   A "C4'"  1 
ATOM   4   O  "O4'"  . C   A 1 1  ? -0.392  -7.536  -13.871 1.00 86.95  ? 1   C   A "O4'"  1 
ATOM   5   C  "C3'"  . C   A 1 1  ? 1.317   -6.731  -12.487 1.00 80.54  ? 1   C   A "C3'"  1 
ATOM   6   O  "O3'"  . C   A 1 1  ? 2.713   -6.698  -12.241 1.00 87.75  ? 1   C   A "O3'"  1 
ATOM   7   C  "C2'"  . C   A 1 1  ? 0.813   -5.563  -13.324 1.00 75.61  ? 1   C   A "C2'"  1 
ATOM   8   O  "O2'"  . C   A 1 1  ? 1.684   -5.315  -14.418 1.00 70.55  ? 1   C   A "O2'"  1 
ATOM   9   C  "C1'"  . C   A 1 1  ? -0.499  -6.127  -13.869 1.00 84.95  ? 1   C   A "C1'"  1 
ATOM   10  N  N1     . C   A 1 1  ? -1.664  -5.740  -13.040 1.00 80.42  ? 1   C   A N1     1 
ATOM   11  C  C2     . C   A 1 1  ? -2.213  -4.463  -13.194 1.00 75.87  ? 1   C   A C2     1 
ATOM   12  O  O2     . C   A 1 1  ? -1.713  -3.683  -14.018 1.00 76.85  ? 1   C   A O2     1 
ATOM   13  N  N3     . C   A 1 1  ? -3.278  -4.107  -12.439 1.00 77.98  ? 1   C   A N3     1 
ATOM   14  C  C4     . C   A 1 1  ? -3.794  -4.968  -11.561 1.00 79.30  ? 1   C   A C4     1 
ATOM   15  N  N4     . C   A 1 1  ? -4.844  -4.573  -10.838 1.00 82.53  ? 1   C   A N4     1 
ATOM   16  C  C5     . C   A 1 1  ? -3.257  -6.275  -11.383 1.00 69.53  ? 1   C   A C5     1 
ATOM   17  C  C6     . C   A 1 1  ? -2.203  -6.614  -12.136 1.00 77.77  ? 1   C   A C6     1 
ATOM   18  P  P      . A   A 1 2  ? 3.311   -5.712  -11.121 1.00 103.89 ? 2   A   A P      1 
ATOM   19  O  OP1    . A   A 1 2  ? 4.706   -6.134  -10.832 1.00 114.36 ? 2   A   A OP1    1 
ATOM   20  O  OP2    . A   A 1 2  ? 2.329   -5.623  -10.011 1.00 90.61  ? 2   A   A OP2    1 
ATOM   21  O  "O5'"  . A   A 1 2  ? 3.362   -4.296  -11.848 1.00 78.73  ? 2   A   A "O5'"  1 
ATOM   22  C  "C5'"  . A   A 1 2  ? 3.283   -3.089  -11.105 1.00 73.10  ? 2   A   A "C5'"  1 
ATOM   23  C  "C4'"  . A   A 1 2  ? 2.539   -2.024  -11.870 1.00 66.40  ? 2   A   A "C4'"  1 
ATOM   24  O  "O4'"  . A   A 1 2  ? 1.238   -2.526  -12.269 1.00 69.57  ? 2   A   A "O4'"  1 
ATOM   25  C  "C3'"  . A   A 1 2  ? 2.226   -0.751  -11.102 1.00 75.37  ? 2   A   A "C3'"  1 
ATOM   26  O  "O3'"  . A   A 1 2  ? 3.324   0.144   -11.061 1.00 76.38  ? 2   A   A "O3'"  1 
ATOM   27  C  "C2'"  . A   A 1 2  ? 1.016   -0.199  -11.844 1.00 71.69  ? 2   A   A "C2'"  1 
ATOM   28  O  "O2'"  . A   A 1 2  ? 1.418   0.469   -13.031 1.00 65.54  ? 2   A   A "O2'"  1 
ATOM   29  C  "C1'"  . A   A 1 2  ? 0.286   -1.484  -12.238 1.00 75.43  ? 2   A   A "C1'"  1 
ATOM   30  N  N9     . A   A 1 2  ? -0.777  -1.846  -11.279 1.00 75.89  ? 2   A   A N9     1 
ATOM   31  C  C8     . A   A 1 2  ? -0.820  -2.942  -10.453 1.00 72.87  ? 2   A   A C8     1 
ATOM   32  N  N7     . A   A 1 2  ? -1.899  -3.007  -9.712  1.00 66.09  ? 2   A   A N7     1 
ATOM   33  C  C5     . A   A 1 2  ? -2.620  -1.878  -10.077 1.00 65.69  ? 2   A   A C5     1 
ATOM   34  C  C6     . A   A 1 2  ? -3.860  -1.370  -9.652  1.00 64.75  ? 2   A   A C6     1 
ATOM   35  N  N6     . A   A 1 2  ? -4.622  -1.958  -8.729  1.00 65.41  ? 2   A   A N6     1 
ATOM   36  N  N1     . A   A 1 2  ? -4.296  -0.221  -10.214 1.00 66.63  ? 2   A   A N1     1 
ATOM   37  C  C2     . A   A 1 2  ? -3.529  0.370   -11.140 1.00 63.79  ? 2   A   A C2     1 
ATOM   38  N  N3     . A   A 1 2  ? -2.347  -0.011  -11.623 1.00 62.52  ? 2   A   A N3     1 
ATOM   39  C  C4     . A   A 1 2  ? -1.942  -1.156  -11.044 1.00 67.08  ? 2   A   A C4     1 
ATOM   40  P  P      . A   A 1 3  ? 3.774   0.808   -9.669  1.00 71.88  ? 3   A   A P      1 
ATOM   41  O  OP1    . A   A 1 3  ? 5.160   1.319   -9.828  1.00 91.88  ? 3   A   A OP1    1 
ATOM   42  O  OP2    . A   A 1 3  ? 3.465   -0.158  -8.585  1.00 70.47  ? 3   A   A OP2    1 
ATOM   43  O  "O5'"  . A   A 1 3  ? 2.806   2.062   -9.511  1.00 71.51  ? 3   A   A "O5'"  1 
ATOM   44  C  "C5'"  . A   A 1 3  ? 2.763   3.078   -10.501 1.00 65.68  ? 3   A   A "C5'"  1 
ATOM   45  C  "C4'"  . A   A 1 3  ? 1.470   3.851   -10.441 1.00 72.25  ? 3   A   A "C4'"  1 
ATOM   46  O  "O4'"  . A   A 1 3  ? 0.357   2.967   -10.741 1.00 84.33  ? 3   A   A "O4'"  1 
ATOM   47  C  "C3'"  . A   A 1 3  ? 1.113   4.443   -9.087  1.00 72.98  ? 3   A   A "C3'"  1 
ATOM   48  O  "O3'"  . A   A 1 3  ? 1.785   5.659   -8.814  1.00 82.19  ? 3   A   A "O3'"  1 
ATOM   49  C  "C2'"  . A   A 1 3  ? -0.400  4.585   -9.179  1.00 70.73  ? 3   A   A "C2'"  1 
ATOM   50  O  "O2'"  . A   A 1 3  ? -0.750  5.721   -9.955  1.00 73.16  ? 3   A   A "O2'"  1 
ATOM   51  C  "C1'"  . A   A 1 3  ? -0.768  3.330   -9.967  1.00 74.81  ? 3   A   A "C1'"  1 
ATOM   52  N  N9     . A   A 1 3  ? -1.106  2.204   -9.077  1.00 59.75  ? 3   A   A N9     1 
ATOM   53  C  C8     . A   A 1 3  ? -0.331  1.115   -8.766  1.00 66.66  ? 3   A   A C8     1 
ATOM   54  N  N7     . A   A 1 3  ? -0.908  0.278   -7.937  1.00 70.45  ? 3   A   A N7     1 
ATOM   55  C  C5     . A   A 1 3  ? -2.145  0.856   -7.686  1.00 61.19  ? 3   A   A C5     1 
ATOM   56  C  C6     . A   A 1 3  ? -3.232  0.461   -6.886  1.00 57.18  ? 3   A   A C6     1 
ATOM   57  N  N6     . A   A 1 3  ? -3.248  -0.658  -6.160  1.00 61.87  ? 3   A   A N6     1 
ATOM   58  N  N1     . A   A 1 3  ? -4.317  1.265   -6.857  1.00 65.29  ? 3   A   A N1     1 
ATOM   59  C  C2     . A   A 1 3  ? -4.302  2.388   -7.584  1.00 58.63  ? 3   A   A C2     1 
ATOM   60  N  N3     . A   A 1 3  ? -3.344  2.865   -8.375  1.00 60.79  ? 3   A   A N3     1 
ATOM   61  C  C4     . A   A 1 3  ? -2.280  2.043   -8.381  1.00 58.74  ? 3   A   A C4     1 
ATOM   62  P  P      . A   A 1 4  ? 2.217   6.020   -7.309  1.00 76.40  ? 4   A   A P      1 
ATOM   63  O  OP1    . A   A 1 4  ? 3.107   7.209   -7.359  1.00 83.31  ? 4   A   A OP1    1 
ATOM   64  O  OP2    . A   A 1 4  ? 2.687   4.773   -6.654  1.00 63.12  ? 4   A   A OP2    1 
ATOM   65  O  "O5'"  . A   A 1 4  ? 0.853   6.459   -6.611  1.00 74.34  ? 4   A   A "O5'"  1 
ATOM   66  C  "C5'"  . A   A 1 4  ? 0.104   7.554   -7.114  1.00 74.56  ? 4   A   A "C5'"  1 
ATOM   67  C  "C4'"  . A   A 1 4  ? -1.262  7.636   -6.479  1.00 73.92  ? 4   A   A "C4'"  1 
ATOM   68  O  "O4'"  . A   A 1 4  ? -2.057  6.479   -6.844  1.00 67.59  ? 4   A   A "O4'"  1 
ATOM   69  C  "C3'"  . A   A 1 4  ? -1.300  7.635   -4.960  1.00 86.17  ? 4   A   A "C3'"  1 
ATOM   70  O  "O3'"  . A   A 1 4  ? -0.976  8.892   -4.393  1.00 91.82  ? 4   A   A "O3'"  1 
ATOM   71  C  "C2'"  . A   A 1 4  ? -2.725  7.181   -4.671  1.00 70.91  ? 4   A   A "C2'"  1 
ATOM   72  O  "O2'"  . A   A 1 4  ? -3.638  8.254   -4.849  1.00 74.24  ? 4   A   A "O2'"  1 
ATOM   73  C  "C1'"  . A   A 1 4  ? -2.950  6.164   -5.793  1.00 63.08  ? 4   A   A "C1'"  1 
ATOM   74  N  N9     . A   A 1 4  ? -2.702  4.781   -5.343  1.00 59.02  ? 4   A   A N9     1 
ATOM   75  C  C8     . A   A 1 4  ? -1.632  3.965   -5.623  1.00 67.36  ? 4   A   A C8     1 
ATOM   76  N  N7     . A   A 1 4  ? -1.712  2.781   -5.062  1.00 63.85  ? 4   A   A N7     1 
ATOM   77  C  C5     . A   A 1 4  ? -2.912  2.821   -4.365  1.00 55.40  ? 4   A   A C5     1 
ATOM   78  C  C6     . A   A 1 4  ? -3.577  1.877   -3.561  1.00 60.13  ? 4   A   A C6     1 
ATOM   79  N  N6     . A   A 1 4  ? -3.106  0.652   -3.309  1.00 65.27  ? 4   A   A N6     1 
ATOM   80  N  N1     . A   A 1 4  ? -4.761  2.236   -3.013  1.00 58.88  ? 4   A   A N1     1 
ATOM   81  C  C2     . A   A 1 4  ? -5.236  3.462   -3.263  1.00 56.34  ? 4   A   A C2     1 
ATOM   82  N  N3     . A   A 1 4  ? -4.705  4.435   -4.001  1.00 63.08  ? 4   A   A N3     1 
ATOM   83  C  C4     . A   A 1 4  ? -3.531  4.047   -4.530  1.00 62.66  ? 4   A   A C4     1 
ATOM   84  P  P      . G   A 1 5  ? -0.364  8.966   -2.909  1.00 83.23  ? 5   G   A P      1 
ATOM   85  O  OP1    . G   A 1 5  ? 0.112   10.354  -2.676  1.00 108.00 ? 5   G   A OP1    1 
ATOM   86  O  OP2    . G   A 1 5  ? 0.574   7.828   -2.735  1.00 89.95  ? 5   G   A OP2    1 
ATOM   87  O  "O5'"  . G   A 1 5  ? -1.620  8.713   -1.966  1.00 65.39  ? 5   G   A "O5'"  1 
ATOM   88  C  "C5'"  . G   A 1 5  ? -2.703  9.629   -1.940  1.00 83.33  ? 5   G   A "C5'"  1 
ATOM   89  C  "C4'"  . G   A 1 5  ? -3.808  9.156   -1.030  1.00 87.52  ? 5   G   A "C4'"  1 
ATOM   90  O  "O4'"  . G   A 1 5  ? -4.450  7.983   -1.597  1.00 87.42  ? 5   G   A "O4'"  1 
ATOM   91  C  "C3'"  . G   A 1 5  ? -3.377  8.698   0.354   1.00 84.03  ? 5   G   A "C3'"  1 
ATOM   92  O  "O3'"  . G   A 1 5  ? -3.127  9.761   1.254   1.00 76.48  ? 5   G   A "O3'"  1 
ATOM   93  C  "C2'"  . G   A 1 5  ? -4.528  7.793   0.765   1.00 75.37  ? 5   G   A "C2'"  1 
ATOM   94  O  "O2'"  . G   A 1 5  ? -5.660  8.562   1.144   1.00 82.29  ? 5   G   A "O2'"  1 
ATOM   95  C  "C1'"  . G   A 1 5  ? -4.841  7.103   -0.561  1.00 75.21  ? 5   G   A "C1'"  1 
ATOM   96  N  N9     . G   A 1 5  ? -4.084  5.845   -0.703  1.00 69.51  ? 5   G   A N9     1 
ATOM   97  C  C8     . G   A 1 5  ? -2.992  5.609   -1.503  1.00 68.32  ? 5   G   A C8     1 
ATOM   98  N  N7     . G   A 1 5  ? -2.540  4.388   -1.403  1.00 62.32  ? 5   G   A N7     1 
ATOM   99  C  C5     . G   A 1 5  ? -3.383  3.783   -0.478  1.00 59.45  ? 5   G   A C5     1 
ATOM   100 C  C6     . G   A 1 5  ? -3.390  2.460   0.037   1.00 58.58  ? 5   G   A C6     1 
ATOM   101 O  O6     . G   A 1 5  ? -2.625  1.524   -0.230  1.00 62.78  ? 5   G   A O6     1 
ATOM   102 N  N1     . G   A 1 5  ? -4.420  2.275   0.954   1.00 55.43  ? 5   G   A N1     1 
ATOM   103 C  C2     . G   A 1 5  ? -5.330  3.235   1.328   1.00 62.32  ? 5   G   A C2     1 
ATOM   104 N  N2     . G   A 1 5  ? -6.252  2.861   2.229   1.00 58.73  ? 5   G   A N2     1 
ATOM   105 N  N3     . G   A 1 5  ? -5.334  4.470   0.856   1.00 60.19  ? 5   G   A N3     1 
ATOM   106 C  C4     . G   A 1 5  ? -4.341  4.671   -0.037  1.00 65.61  ? 5   G   A C4     1 
ATOM   107 P  P      . A   A 1 6  ? -1.912  9.647   2.299   1.00 84.56  ? 6   A   A P      1 
ATOM   108 O  OP1    . A   A 1 6  ? -1.748  10.965  2.963   1.00 88.87  ? 6   A   A OP1    1 
ATOM   109 O  OP2    . A   A 1 6  ? -0.759  9.026   1.597   1.00 61.76  ? 6   A   A OP2    1 
ATOM   110 O  "O5'"  . A   A 1 6  ? -2.438  8.606   3.384   1.00 77.87  ? 6   A   A "O5'"  1 
ATOM   111 C  "C5'"  . A   A 1 6  ? -3.612  8.878   4.131   1.00 60.81  ? 6   A   A "C5'"  1 
ATOM   112 C  "C4'"  . A   A 1 6  ? -4.090  7.668   4.894   1.00 72.54  ? 6   A   A "C4'"  1 
ATOM   113 O  "O4'"  . A   A 1 6  ? -4.448  6.598   3.978   1.00 70.09  ? 6   A   A "O4'"  1 
ATOM   114 C  "C3'"  . A   A 1 6  ? -3.090  7.008   5.827   1.00 75.31  ? 6   A   A "C3'"  1 
ATOM   115 O  "O3'"  . A   A 1 6  ? -2.882  7.710   7.038   1.00 76.30  ? 6   A   A "O3'"  1 
ATOM   116 C  "C2'"  . A   A 1 6  ? -3.700  5.627   6.010   1.00 67.70  ? 6   A   A "C2'"  1 
ATOM   117 O  "O2'"  . A   A 1 6  ? -4.821  5.686   6.881   1.00 65.81  ? 6   A   A "O2'"  1 
ATOM   118 C  "C1'"  . A   A 1 6  ? -4.205  5.347   4.596   1.00 63.19  ? 6   A   A "C1'"  1 
ATOM   119 N  N9     . A   A 1 6  ? -3.196  4.607   3.815   1.00 57.08  ? 6   A   A N9     1 
ATOM   120 C  C8     . A   A 1 6  ? -2.337  5.073   2.852   1.00 62.72  ? 6   A   A C8     1 
ATOM   121 N  N7     . A   A 1 6  ? -1.547  4.145   2.362   1.00 52.99  ? 6   A   A N7     1 
ATOM   122 C  C5     . A   A 1 6  ? -1.905  2.996   3.055   1.00 45.63  ? 6   A   A C5     1 
ATOM   123 C  C6     . A   A 1 6  ? -1.443  1.668   3.004   1.00 54.39  ? 6   A   A C6     1 
ATOM   124 N  N6     . A   A 1 6  ? -0.474  1.248   2.188   1.00 55.12  ? 6   A   A N6     1 
ATOM   125 N  N1     . A   A 1 6  ? -2.019  0.770   3.832   1.00 54.51  ? 6   A   A N1     1 
ATOM   126 C  C2     . A   A 1 6  ? -2.992  1.184   4.653   1.00 51.50  ? 6   A   A C2     1 
ATOM   127 N  N3     . A   A 1 6  ? -3.510  2.401   4.792   1.00 58.00  ? 6   A   A N3     1 
ATOM   128 C  C4     . A   A 1 6  ? -2.916  3.269   3.955   1.00 56.40  ? 6   A   A C4     1 
ATOM   129 P  P      . A   A 1 7  ? -1.428  7.693   7.724   1.00 83.71  ? 7   A   A P      1 
ATOM   130 O  OP1    . A   A 1 7  ? -1.471  8.603   8.899   1.00 76.40  ? 7   A   A OP1    1 
ATOM   131 O  OP2    . A   A 1 7  ? -0.413  7.913   6.662   1.00 70.09  ? 7   A   A OP2    1 
ATOM   132 O  "O5'"  . A   A 1 7  ? -1.265  6.197   8.254   1.00 67.61  ? 7   A   A "O5'"  1 
ATOM   133 C  "C5'"  . A   A 1 7  ? -2.125  5.697   9.265   1.00 65.41  ? 7   A   A "C5'"  1 
ATOM   134 C  "C4'"  . A   A 1 7  ? -2.153  4.188   9.308   1.00 60.34  ? 7   A   A "C4'"  1 
ATOM   135 O  "O4'"  . A   A 1 7  ? -2.251  3.633   7.972   1.00 60.79  ? 7   A   A "O4'"  1 
ATOM   136 C  "C3'"  . A   A 1 7  ? -0.937  3.493   9.891   1.00 59.09  ? 7   A   A "C3'"  1 
ATOM   137 O  "O3'"  . A   A 1 7  ? -0.895  3.550   11.306  1.00 66.61  ? 7   A   A "O3'"  1 
ATOM   138 C  "C2'"  . A   A 1 7  ? -1.084  2.077   9.345   1.00 61.94  ? 7   A   A "C2'"  1 
ATOM   139 O  "O2'"  . A   A 1 7  ? -2.040  1.346   10.097  1.00 65.18  ? 7   A   A "O2'"  1 
ATOM   140 C  "C1'"  . A   A 1 7  ? -1.671  2.343   7.955   1.00 55.91  ? 7   A   A "C1'"  1 
ATOM   141 N  N9     . A   A 1 7  ? -0.650  2.265   6.892   1.00 54.15  ? 7   A   A N9     1 
ATOM   142 C  C8     . A   A 1 7  ? -0.107  3.265   6.127   1.00 54.13  ? 7   A   A C8     1 
ATOM   143 N  N7     . A   A 1 7  ? 0.788   2.838   5.265   1.00 52.07  ? 7   A   A N7     1 
ATOM   144 C  C5     . A   A 1 7  ? 0.837   1.467   5.475   1.00 45.56  ? 7   A   A C5     1 
ATOM   145 C  C6     . A   A 1 7  ? 1.586   0.432   4.881   1.00 58.22  ? 7   A   A C6     1 
ATOM   146 N  N6     . A   A 1 7  ? 2.476   0.623   3.904   1.00 62.17  ? 7   A   A N6     1 
ATOM   147 N  N1     . A   A 1 7  ? 1.389   -0.827  5.331   1.00 53.55  ? 7   A   A N1     1 
ATOM   148 C  C2     . A   A 1 7  ? 0.497   -1.025  6.309   1.00 55.32  ? 7   A   A C2     1 
ATOM   149 N  N3     . A   A 1 7  ? -0.266  -0.137  6.943   1.00 50.57  ? 7   A   A N3     1 
ATOM   150 C  C4     . A   A 1 7  ? -0.046  1.103   6.475   1.00 54.66  ? 7   A   A C4     1 
ATOM   151 P  P      . A   A 1 8  ? 0.507   3.417   12.080  1.00 73.29  ? 8   A   A P      1 
ATOM   152 O  OP1    . A   A 1 8  ? 0.300   3.866   13.481  1.00 83.07  ? 8   A   A OP1    1 
ATOM   153 O  OP2    . A   A 1 8  ? 1.563   4.057   11.255  1.00 60.26  ? 8   A   A OP2    1 
ATOM   154 O  "O5'"  . A   A 1 8  ? 0.782   1.850   12.104  1.00 60.76  ? 8   A   A "O5'"  1 
ATOM   155 C  "C5'"  . A   A 1 8  ? -0.165  0.954   12.664  1.00 64.41  ? 8   A   A "C5'"  1 
ATOM   156 C  "C4'"  . A   A 1 8  ? 0.210   -0.480  12.394  1.00 63.74  ? 8   A   A "C4'"  1 
ATOM   157 O  "O4'"  . A   A 1 8  ? 0.119   -0.754  10.972  1.00 73.07  ? 8   A   A "O4'"  1 
ATOM   158 C  "C3'"  . A   A 1 8  ? 1.634   -0.868  12.754  1.00 66.70  ? 8   A   A "C3'"  1 
ATOM   159 O  "O3'"  . A   A 1 8  ? 1.795   -1.140  14.134  1.00 72.88  ? 8   A   A "O3'"  1 
ATOM   160 C  "C2'"  . A   A 1 8  ? 1.890   -2.068  11.853  1.00 71.17  ? 8   A   A "C2'"  1 
ATOM   161 O  "O2'"  . A   A 1 8  ? 1.275   -3.232  12.385  1.00 69.62  ? 8   A   A "O2'"  1 
ATOM   162 C  "C1'"  . A   A 1 8  ? 1.134   -1.659  10.589  1.00 68.54  ? 8   A   A "C1'"  1 
ATOM   163 N  N9     . A   A 1 8  ? 2.008   -0.992  9.606   1.00 60.63  ? 8   A   A N9     1 
ATOM   164 C  C8     . A   A 1 8  ? 2.130   0.355   9.368   1.00 55.80  ? 8   A   A C8     1 
ATOM   165 N  N7     . A   A 1 8  ? 2.990   0.649   8.424   1.00 57.23  ? 8   A   A N7     1 
ATOM   166 C  C5     . A   A 1 8  ? 3.467   -0.587  8.012   1.00 52.14  ? 8   A   A C5     1 
ATOM   167 C  C6     . A   A 1 8  ? 4.407   -0.963  7.035   1.00 58.63  ? 8   A   A C6     1 
ATOM   168 N  N6     . A   A 1 8  ? 5.063   -0.093  6.261   1.00 65.02  ? 8   A   A N6     1 
ATOM   169 N  N1     . A   A 1 8  ? 4.654   -2.281  6.875   1.00 61.08  ? 8   A   A N1     1 
ATOM   170 C  C2     . A   A 1 8  ? 3.997   -3.156  7.648   1.00 68.85  ? 8   A   A C2     1 
ATOM   171 N  N3     . A   A 1 8  ? 3.091   -2.926  8.597   1.00 63.14  ? 8   A   A N3     1 
ATOM   172 C  C4     . A   A 1 8  ? 2.870   -1.607  8.732   1.00 63.63  ? 8   A   A C4     1 
ATOM   173 P  P      . A   A 1 9  ? 3.034   -0.516  14.940  1.00 75.27  ? 9   A   A P      1 
ATOM   174 O  OP1    . A   A 1 9  ? 2.744   -0.631  16.393  1.00 80.11  ? 9   A   A OP1    1 
ATOM   175 O  OP2    . A   A 1 9  ? 3.352   0.812   14.354  1.00 63.17  ? 9   A   A OP2    1 
ATOM   176 O  "O5'"  . A   A 1 9  ? 4.236   -1.500  14.598  1.00 70.56  ? 9   A   A "O5'"  1 
ATOM   177 C  "C5'"  . A   A 1 9  ? 4.088   -2.902  14.756  1.00 66.60  ? 9   A   A "C5'"  1 
ATOM   178 C  "C4'"  . A   A 1 9  ? 5.158   -3.655  14.010  1.00 71.08  ? 9   A   A "C4'"  1 
ATOM   179 O  "O4'"  . A   A 1 9  ? 4.907   -3.589  12.582  1.00 80.85  ? 9   A   A "O4'"  1 
ATOM   180 C  "C3'"  . A   A 1 9  ? 6.571   -3.120  14.158  1.00 66.14  ? 9   A   A "C3'"  1 
ATOM   181 O  "O3'"  . A   A 1 9  ? 7.188   -3.511  15.371  1.00 79.04  ? 9   A   A "O3'"  1 
ATOM   182 C  "C2'"  . A   A 1 9  ? 7.258   -3.664  12.913  1.00 67.66  ? 9   A   A "C2'"  1 
ATOM   183 O  "O2'"  . A   A 1 9  ? 7.584   -5.035  13.081  1.00 67.47  ? 9   A   A "O2'"  1 
ATOM   184 C  "C1'"  . A   A 1 9  ? 6.133   -3.558  11.881  1.00 70.24  ? 9   A   A "C1'"  1 
ATOM   185 N  N9     . A   A 1 9  ? 6.208   -2.299  11.116  1.00 60.41  ? 9   A   A N9     1 
ATOM   186 C  C8     . A   A 1 9  ? 5.570   -1.111  11.375  1.00 67.09  ? 9   A   A C8     1 
ATOM   187 N  N7     . A   A 1 9  ? 5.845   -0.165  10.508  1.00 68.31  ? 9   A   A N7     1 
ATOM   188 C  C5     . A   A 1 9  ? 6.724   -0.772  9.622   1.00 64.45  ? 9   A   A C5     1 
ATOM   189 C  C6     . A   A 1 9  ? 7.388   -0.304  8.474   1.00 63.76  ? 9   A   A C6     1 
ATOM   190 N  N6     . A   A 1 9  ? 7.262   0.938   8.004   1.00 64.21  ? 9   A   A N6     1 
ATOM   191 N  N1     . A   A 1 9  ? 8.196   -1.166  7.819   1.00 67.57  ? 9   A   A N1     1 
ATOM   192 C  C2     . A   A 1 9  ? 8.324   -2.414  8.292   1.00 63.10  ? 9   A   A C2     1 
ATOM   193 N  N3     . A   A 1 9  ? 7.754   -2.970  9.359   1.00 58.69  ? 9   A   A N3     1 
ATOM   194 C  C4     . A   A 1 9  ? 6.959   -2.087  9.987   1.00 59.45  ? 9   A   A C4     1 
ATOM   195 P  P      . G   A 1 10 ? 8.481   -2.723  15.907  1.00 79.34  ? 10  G   A P      1 
ATOM   196 O  OP1    . G   A 1 10 ? 8.677   -3.088  17.333  1.00 82.98  ? 10  G   A OP1    1 
ATOM   197 O  OP2    . G   A 1 10 ? 8.351   -1.293  15.527  1.00 75.46  ? 10  G   A OP2    1 
ATOM   198 O  "O5'"  . G   A 1 10 ? 9.678   -3.344  15.059  1.00 66.15  ? 10  G   A "O5'"  1 
ATOM   199 C  "C5'"  . G   A 1 10 ? 10.880  -2.620  14.850  1.00 63.11  ? 10  G   A "C5'"  1 
ATOM   200 C  "C4'"  . G   A 1 10 ? 11.594  -3.094  13.610  1.00 55.62  ? 10  G   A "C4'"  1 
ATOM   201 O  "O4'"  . G   A 1 10 ? 10.693  -3.027  12.473  1.00 61.47  ? 10  G   A "O4'"  1 
ATOM   202 C  "C3'"  . G   A 1 10 ? 12.794  -2.267  13.181  1.00 54.63  ? 10  G   A "C3'"  1 
ATOM   203 O  "O3'"  . G   A 1 10 ? 13.973  -2.589  13.897  1.00 60.41  ? 10  G   A "O3'"  1 
ATOM   204 C  "C2'"  . G   A 1 10 ? 12.886  -2.561  11.691  1.00 63.13  ? 10  G   A "C2'"  1 
ATOM   205 O  "O2'"  . G   A 1 10 ? 13.494  -3.825  11.464  1.00 77.18  ? 10  G   A "O2'"  1 
ATOM   206 C  "C1'"  . G   A 1 10 ? 11.408  -2.660  11.312  1.00 68.30  ? 10  G   A "C1'"  1 
ATOM   207 N  N9     . G   A 1 10 ? 10.876  -1.374  10.821  1.00 60.85  ? 10  G   A N9     1 
ATOM   208 C  C8     . G   A 1 10 ? 9.921   -0.589  11.421  1.00 62.36  ? 10  G   A C8     1 
ATOM   209 N  N7     . G   A 1 10 ? 9.652   0.497   10.749  1.00 70.45  ? 10  G   A N7     1 
ATOM   210 C  C5     . G   A 1 10 ? 10.478  0.426   9.635   1.00 66.21  ? 10  G   A C5     1 
ATOM   211 C  C6     . G   A 1 10 ? 10.630  1.319   8.544   1.00 64.41  ? 10  G   A C6     1 
ATOM   212 O  O6     . G   A 1 10 ? 10.047  2.389   8.336   1.00 72.00  ? 10  G   A O6     1 
ATOM   213 N  N1     . G   A 1 10 ? 11.578  0.860   7.636   1.00 65.03  ? 10  G   A N1     1 
ATOM   214 C  C2     . G   A 1 10 ? 12.288  -0.308  7.758   1.00 62.23  ? 10  G   A C2     1 
ATOM   215 N  N2     . G   A 1 10 ? 13.157  -0.578  6.774   1.00 70.65  ? 10  G   A N2     1 
ATOM   216 N  N3     . G   A 1 10 ? 12.155  -1.150  8.769   1.00 60.05  ? 10  G   A N3     1 
ATOM   217 C  C4     . G   A 1 10 ? 11.239  -0.725  9.663   1.00 60.12  ? 10  G   A C4     1 
ATOM   218 O  "O5'"  . DC  B 2 1  ? 12.952  4.692   0.177   1.00 81.29  ? 11  DC  B "O5'"  1 
ATOM   219 C  "C5'"  . DC  B 2 1  ? 14.229  4.329   -0.331  1.00 72.75  ? 11  DC  B "C5'"  1 
ATOM   220 C  "C4'"  . DC  B 2 1  ? 14.800  3.153   0.436   1.00 75.45  ? 11  DC  B "C4'"  1 
ATOM   221 O  "O4'"  . DC  B 2 1  ? 15.137  3.571   1.784   1.00 67.60  ? 11  DC  B "O4'"  1 
ATOM   222 C  "C3'"  . DC  B 2 1  ? 13.849  1.982   0.615   1.00 78.23  ? 11  DC  B "C3'"  1 
ATOM   223 O  "O3'"  . DC  B 2 1  ? 13.934  1.108   -0.506  1.00 75.29  ? 11  DC  B "O3'"  1 
ATOM   224 C  "C2'"  . DC  B 2 1  ? 14.394  1.327   1.877   1.00 68.49  ? 11  DC  B "C2'"  1 
ATOM   225 C  "C1'"  . DC  B 2 1  ? 14.809  2.542   2.705   1.00 65.15  ? 11  DC  B "C1'"  1 
ATOM   226 N  N1     . DC  B 2 1  ? 13.734  3.047   3.614   1.00 72.04  ? 11  DC  B N1     1 
ATOM   227 C  C2     . DC  B 2 1  ? 13.321  2.272   4.706   1.00 71.70  ? 11  DC  B C2     1 
ATOM   228 O  O2     . DC  B 2 1  ? 13.855  1.172   4.905   1.00 67.71  ? 11  DC  B O2     1 
ATOM   229 N  N3     . DC  B 2 1  ? 12.345  2.749   5.519   1.00 70.38  ? 11  DC  B N3     1 
ATOM   230 C  C4     . DC  B 2 1  ? 11.795  3.939   5.274   1.00 73.22  ? 11  DC  B C4     1 
ATOM   231 N  N4     . DC  B 2 1  ? 10.836  4.367   6.103   1.00 74.09  ? 11  DC  B N4     1 
ATOM   232 C  C5     . DC  B 2 1  ? 12.202  4.742   4.169   1.00 71.67  ? 11  DC  B C5     1 
ATOM   233 C  C6     . DC  B 2 1  ? 13.164  4.264   3.374   1.00 67.84  ? 11  DC  B C6     1 
ATOM   234 P  P      . DT  B 2 2  ? 12.672  0.202   -0.989  1.00 84.90  ? 12  DT  B P      1 
ATOM   235 O  OP1    . DT  B 2 2  ? 13.077  -0.520  -2.214  1.00 90.57  ? 12  DT  B OP1    1 
ATOM   236 O  OP2    . DT  B 2 2  ? 11.439  1.032   -1.004  1.00 77.29  ? 12  DT  B OP2    1 
ATOM   237 O  "O5'"  . DT  B 2 2  ? 12.548  -0.913  0.138   1.00 70.90  ? 12  DT  B "O5'"  1 
ATOM   238 C  "C5'"  . DT  B 2 2  ? 13.558  -1.921  0.276   1.00 63.85  ? 12  DT  B "C5'"  1 
ATOM   239 C  "C4'"  . DT  B 2 2  ? 13.330  -2.706  1.545   1.00 71.06  ? 12  DT  B "C4'"  1 
ATOM   240 O  "O4'"  . DT  B 2 2  ? 13.241  -1.808  2.671   1.00 73.80  ? 12  DT  B "O4'"  1 
ATOM   241 C  "C3'"  . DT  B 2 2  ? 12.020  -3.476  1.582   1.00 79.56  ? 12  DT  B "C3'"  1 
ATOM   242 O  "O3'"  . DT  B 2 2  ? 12.129  -4.729  0.911   1.00 78.24  ? 12  DT  B "O3'"  1 
ATOM   243 C  "C2'"  . DT  B 2 2  ? 11.809  -3.657  3.069   1.00 72.62  ? 12  DT  B "C2'"  1 
ATOM   244 C  "C1'"  . DT  B 2 2  ? 12.371  -2.364  3.655   1.00 70.53  ? 12  DT  B "C1'"  1 
ATOM   245 N  N1     . DT  B 2 2  ? 11.358  -1.347  3.996   1.00 74.50  ? 12  DT  B N1     1 
ATOM   246 C  C2     . DT  B 2 2  ? 10.577  -1.553  5.110   1.00 71.91  ? 12  DT  B C2     1 
ATOM   247 O  O2     . DT  B 2 2  ? 10.689  -2.528  5.832   1.00 72.89  ? 12  DT  B O2     1 
ATOM   248 N  N3     . DT  B 2 2  ? 9.672   -0.554  5.364   1.00 67.63  ? 12  DT  B N3     1 
ATOM   249 C  C4     . DT  B 2 2  ? 9.469   0.597   4.630   1.00 72.26  ? 12  DT  B C4     1 
ATOM   250 O  O4     . DT  B 2 2  ? 8.610   1.401   4.978   1.00 68.64  ? 12  DT  B O4     1 
ATOM   251 C  C5     . DT  B 2 2  ? 10.316  0.743   3.471   1.00 73.76  ? 12  DT  B C5     1 
ATOM   252 C  C7     . DT  B 2 2  ? 10.160  1.954   2.606   1.00 74.01  ? 12  DT  B C7     1 
ATOM   253 C  C6     . DT  B 2 2  ? 11.209  -0.221  3.218   1.00 74.96  ? 12  DT  B C6     1 
HETATM 254 C  C1     . 05K B 2 3  ? 6.101   -8.487  1.670   1.00 83.44  ? 13  05K B C1     1 
HETATM 255 C  "C1'"  . 05K B 2 3  ? 3.045   -6.545  4.562   1.00 78.09  ? 13  05K B "C1'"  1 
HETATM 256 C  C5A    . 05K B 2 3  ? 8.261   -1.628  1.467   1.00 76.48  ? 13  05K B C5A    1 
HETATM 257 C  C2     . 05K B 2 3  ? 2.705   -4.061  4.491   1.00 62.78  ? 13  05K B C2     1 
HETATM 258 C  "C2'"  . 05K B 2 3  ? 1.631   -7.030  4.300   1.00 71.94  ? 13  05K B "C2'"  1 
HETATM 259 C  C21    . 05K B 2 3  ? 7.052   -3.740  4.929   1.00 69.17  ? 13  05K B C21    1 
HETATM 260 C  "C3'"  . 05K B 2 3  ? 1.782   -8.056  3.205   1.00 73.23  ? 13  05K B "C3'"  1 
HETATM 261 C  C4     . 05K B 2 3  ? 3.630   -2.750  2.821   1.00 72.28  ? 13  05K B C4     1 
HETATM 262 C  "C4'"  . 05K B 2 3  ? 3.159   -8.615  3.437   1.00 71.94  ? 13  05K B "C4'"  1 
HETATM 263 C  C41    . 05K B 2 3  ? 6.964   -1.781  3.703   1.00 72.00  ? 13  05K B C41    1 
HETATM 264 C  C5     . 05K B 2 3  ? 4.229   -3.958  2.227   1.00 74.72  ? 13  05K B C5     1 
HETATM 265 C  "C5'"  . 05K B 2 3  ? 3.756   -9.098  2.133   1.00 78.56  ? 13  05K B "C5'"  1 
HETATM 266 C  C51    . 05K B 2 3  ? 7.845   -2.388  2.694   1.00 69.23  ? 13  05K B C51    1 
HETATM 267 C  C6     . 05K B 2 3  ? 4.005   -5.168  2.841   1.00 70.90  ? 13  05K B C6     1 
HETATM 268 C  C61    . 05K B 2 3  ? 8.269   -3.681  2.895   1.00 76.55  ? 13  05K B C61    1 
HETATM 269 C  C5M    . 05K B 2 3  ? 5.057   -3.895  0.979   1.00 67.59  ? 13  05K B C5M    1 
HETATM 270 C  C11    . 05K B 2 3  ? 7.525   -8.641  2.129   1.00 69.91  ? 13  05K B C11    1 
HETATM 271 N  N1     . 05K B 2 3  ? 3.260   -5.235  3.943   1.00 67.68  ? 13  05K B N1     1 
HETATM 272 N  N11    . 05K B 2 3  ? 7.894   -4.344  3.989   1.00 73.57  ? 13  05K B N11    1 
HETATM 273 N  N3     . 05K B 2 3  ? 2.902   -2.874  3.924   1.00 68.39  ? 13  05K B N3     1 
HETATM 274 N  N31    . 05K B 2 3  ? 6.619   -2.493  4.769   1.00 71.29  ? 13  05K B N31    1 
HETATM 275 N  "N5'"  . 05K B 2 3  ? 5.181   -9.111  2.386   1.00 77.66  ? 13  05K B "N5'"  1 
HETATM 276 O  O2     . 05K B 2 3  ? 2.001   -4.103  5.514   1.00 63.91  ? 13  05K B O2     1 
HETATM 277 O  O21    . 05K B 2 3  ? 6.713   -4.384  5.936   1.00 70.52  ? 13  05K B O21    1 
HETATM 278 O  O1     . 05K B 2 3  ? 5.832   -7.810  0.694   1.00 80.41  ? 13  05K B O1     1 
HETATM 279 O  "O3'"  . 05K B 2 3  ? 0.763   -9.081  3.235   1.00 77.62  ? 13  05K B "O3'"  1 
HETATM 280 O  O4     . 05K B 2 3  ? 3.802   -1.634  2.303   1.00 75.73  ? 13  05K B O4     1 
HETATM 281 O  "O4'"  . 05K B 2 3  ? 3.903   -7.512  3.952   1.00 78.62  ? 13  05K B "O4'"  1 
HETATM 282 O  O41    . 05K B 2 3  ? 6.551   -0.616  3.561   1.00 78.64  ? 13  05K B O41    1 
HETATM 283 O  "O5'"  . 05K B 2 3  ? 9.954   -5.943  0.799   1.00 73.08  ? 13  05K B "O5'"  1 
HETATM 284 O  OP1    . 05K B 2 3  ? 11.670  -6.110  -1.221  1.00 78.77  ? 13  05K B OP1    1 
HETATM 285 O  OP2    . 05K B 2 3  ? 10.422  -3.943  -0.703  1.00 63.26  ? 13  05K B OP2    1 
HETATM 286 P  P      . 05K B 2 3  ? 11.004  -5.160  -0.117  1.00 74.42  ? 13  05K B P      1 
HETATM 287 C  "C1'1" . 05K B 2 3  ? 8.320   -5.719  4.230   1.00 72.34  ? 13  05K B "C1'1" 1 
HETATM 288 C  "C2'1" . 05K B 2 3  ? 7.310   -6.623  3.555   1.00 81.89  ? 13  05K B "C2'1" 1 
HETATM 289 C  "C3'1" . 05K B 2 3  ? 8.042   -7.241  2.388   1.00 78.30  ? 13  05K B "C3'1" 1 
HETATM 290 C  "C4'1" . 05K B 2 3  ? 9.494   -7.177  2.804   1.00 80.74  ? 13  05K B "C4'1" 1 
HETATM 291 C  "C5'1" . 05K B 2 3  ? 10.399  -7.033  1.592   1.00 73.78  ? 13  05K B "C5'1" 1 
HETATM 292 O  "O4'1" . 05K B 2 3  ? 9.581   -6.014  3.629   1.00 81.13  ? 13  05K B "O4'1" 1 
ATOM   293 P  P      . DT  B 2 4  ? -0.633  -8.932  2.402   1.00 78.53  ? 14  DT  B P      1 
ATOM   294 O  OP1    . DT  B 2 4  ? -1.279  -10.265 2.400   1.00 86.76  ? 14  DT  B OP1    1 
ATOM   295 O  OP2    . DT  B 2 4  ? -0.332  -8.249  1.123   1.00 90.74  ? 14  DT  B OP2    1 
ATOM   296 O  "O5'"  . DT  B 2 4  ? -1.505  -7.935  3.298   1.00 68.85  ? 14  DT  B "O5'"  1 
ATOM   297 C  "C5'"  . DT  B 2 4  ? -1.841  -8.292  4.630   1.00 70.99  ? 14  DT  B "C5'"  1 
ATOM   298 C  "C4'"  . DT  B 2 4  ? -2.674  -7.207  5.287   1.00 59.09  ? 14  DT  B "C4'"  1 
ATOM   299 O  "O4'"  . DT  B 2 4  ? -1.827  -6.090  5.642   1.00 63.74  ? 14  DT  B "O4'"  1 
ATOM   300 C  "C3'"  . DT  B 2 4  ? -3.743  -6.595  4.406   1.00 68.73  ? 14  DT  B "C3'"  1 
ATOM   301 O  "O3'"  . DT  B 2 4  ? -4.904  -7.408  4.400   1.00 69.27  ? 14  DT  B "O3'"  1 
ATOM   302 C  "C2'"  . DT  B 2 4  ? -3.988  -5.267  5.110   1.00 67.73  ? 14  DT  B "C2'"  1 
ATOM   303 C  "C1'"  . DT  B 2 4  ? -2.573  -4.885  5.552   1.00 65.58  ? 14  DT  B "C1'"  1 
ATOM   304 N  N1     . DT  B 2 4  ? -1.886  -3.959  4.603   1.00 61.98  ? 14  DT  B N1     1 
ATOM   305 C  C2     . DT  B 2 4  ? -2.118  -2.607  4.702   1.00 59.82  ? 14  DT  B C2     1 
ATOM   306 O  O2     . DT  B 2 4  ? -2.861  -2.116  5.534   1.00 68.79  ? 14  DT  B O2     1 
ATOM   307 N  N3     . DT  B 2 4  ? -1.444  -1.841  3.787   1.00 50.37  ? 14  DT  B N3     1 
ATOM   308 C  C4     . DT  B 2 4  ? -0.581  -2.284  2.802   1.00 63.05  ? 14  DT  B C4     1 
ATOM   309 O  O4     . DT  B 2 4  ? -0.022  -1.515  2.026   1.00 66.94  ? 14  DT  B O4     1 
ATOM   310 C  C5     . DT  B 2 4  ? -0.382  -3.713  2.752   1.00 63.67  ? 14  DT  B C5     1 
ATOM   311 C  C7     . DT  B 2 4  ? 0.532   -4.312  1.724   1.00 63.18  ? 14  DT  B C7     1 
ATOM   312 C  C6     . DT  B 2 4  ? -1.037  -4.473  3.644   1.00 62.21  ? 14  DT  B C6     1 
ATOM   313 P  P      . DC  B 2 5  ? -5.886  -7.387  3.129   1.00 78.71  ? 15  DC  B P      1 
ATOM   314 O  OP1    . DC  B 2 5  ? -6.857  -8.492  3.296   1.00 83.76  ? 15  DC  B OP1    1 
ATOM   315 O  OP2    . DC  B 2 5  ? -5.042  -7.335  1.915   1.00 82.98  ? 15  DC  B OP2    1 
ATOM   316 O  "O5'"  . DC  B 2 5  ? -6.653  -5.987  3.259   1.00 64.81  ? 15  DC  B "O5'"  1 
ATOM   317 C  "C5'"  . DC  B 2 5  ? -7.510  -5.750  4.369   1.00 65.27  ? 15  DC  B "C5'"  1 
ATOM   318 C  "C4'"  . DC  B 2 5  ? -7.994  -4.311  4.391   1.00 76.62  ? 15  DC  B "C4'"  1 
ATOM   319 O  "O4'"  . DC  B 2 5  ? -6.891  -3.423  4.699   1.00 87.26  ? 15  DC  B "O4'"  1 
ATOM   320 C  "C3'"  . DC  B 2 5  ? -8.528  -3.787  3.074   1.00 88.53  ? 15  DC  B "C3'"  1 
ATOM   321 O  "O3'"  . DC  B 2 5  ? -9.872  -4.197  2.885   1.00 92.05  ? 15  DC  B "O3'"  1 
ATOM   322 C  "C2'"  . DC  B 2 5  ? -8.422  -2.283  3.291   1.00 81.60  ? 15  DC  B "C2'"  1 
ATOM   323 C  "C1'"  . DC  B 2 5  ? -7.096  -2.176  4.048   1.00 73.50  ? 15  DC  B "C1'"  1 
ATOM   324 N  N1     . DC  B 2 5  ? -5.932  -1.898  3.157   1.00 65.01  ? 15  DC  B N1     1 
ATOM   325 C  C2     . DC  B 2 5  ? -5.670  -0.584  2.750   1.00 66.62  ? 15  DC  B C2     1 
ATOM   326 O  O2     . DC  B 2 5  ? -6.409  0.328   3.144   1.00 57.09  ? 15  DC  B O2     1 
ATOM   327 N  N3     . DC  B 2 5  ? -4.612  -0.346  1.937   1.00 56.98  ? 15  DC  B N3     1 
ATOM   328 C  C4     . DC  B 2 5  ? -3.839  -1.358  1.535   1.00 63.22  ? 15  DC  B C4     1 
ATOM   329 N  N4     . DC  B 2 5  ? -2.806  -1.076  0.733   1.00 69.48  ? 15  DC  B N4     1 
ATOM   330 C  C5     . DC  B 2 5  ? -4.090  -2.703  1.936   1.00 64.55  ? 15  DC  B C5     1 
ATOM   331 C  C6     . DC  B 2 5  ? -5.137  -2.924  2.738   1.00 61.33  ? 15  DC  B C6     1 
ATOM   332 P  P      . DT  B 2 6  ? -10.431 -4.431  1.398   1.00 86.97  ? 16  DT  B P      1 
ATOM   333 O  OP1    . DT  B 2 6  ? -11.804 -4.970  1.513   1.00 94.43  ? 16  DT  B OP1    1 
ATOM   334 O  OP2    . DT  B 2 6  ? -9.397  -5.182  0.652   1.00 85.00  ? 16  DT  B OP2    1 
ATOM   335 O  "O5'"  . DT  B 2 6  ? -10.500 -2.959  0.774   1.00 72.10  ? 16  DT  B "O5'"  1 
ATOM   336 C  "C5'"  . DT  B 2 6  ? -11.438 -2.019  1.283   1.00 72.29  ? 16  DT  B "C5'"  1 
ATOM   337 C  "C4'"  . DT  B 2 6  ? -11.164 -0.626  0.741   1.00 73.47  ? 16  DT  B "C4'"  1 
ATOM   338 O  "O4'"  . DT  B 2 6  ? -9.801  -0.245  1.040   1.00 66.24  ? 16  DT  B "O4'"  1 
ATOM   339 C  "C3'"  . DT  B 2 6  ? -11.260 -0.486  -0.764  1.00 68.94  ? 16  DT  B "C3'"  1 
ATOM   340 O  "O3'"  . DT  B 2 6  ? -12.613 -0.327  -1.162  1.00 69.27  ? 16  DT  B "O3'"  1 
ATOM   341 C  "C2'"  . DT  B 2 6  ? -10.455 0.786   -0.999  1.00 65.36  ? 16  DT  B "C2'"  1 
ATOM   342 C  "C1'"  . DT  B 2 6  ? -9.330  0.637   0.030   1.00 62.17  ? 16  DT  B "C1'"  1 
ATOM   343 N  N1     . DT  B 2 6  ? -8.073  0.086   -0.547  1.00 64.51  ? 16  DT  B N1     1 
ATOM   344 C  C2     . DT  B 2 6  ? -7.223  0.930   -1.221  1.00 61.20  ? 16  DT  B C2     1 
ATOM   345 O  O2     . DT  B 2 6  ? -7.444  2.117   -1.370  1.00 58.73  ? 16  DT  B O2     1 
ATOM   346 N  N3     . DT  B 2 6  ? -6.096  0.330   -1.719  1.00 62.21  ? 16  DT  B N3     1 
ATOM   347 C  C4     . DT  B 2 6  ? -5.743  -1.002  -1.613  1.00 63.22  ? 16  DT  B C4     1 
ATOM   348 O  O4     . DT  B 2 6  ? -4.706  -1.447  -2.096  1.00 69.71  ? 16  DT  B O4     1 
ATOM   349 C  C5     . DT  B 2 6  ? -6.680  -1.834  -0.894  1.00 60.50  ? 16  DT  B C5     1 
ATOM   350 C  C7     . DT  B 2 6  ? -6.405  -3.298  -0.714  1.00 64.28  ? 16  DT  B C7     1 
ATOM   351 C  C6     . DT  B 2 6  ? -7.787  -1.257  -0.402  1.00 63.86  ? 16  DT  B C6     1 
ATOM   352 P  P      . DT  B 2 7  ? -13.078 -0.815  -2.620  1.00 69.80  ? 17  DT  B P      1 
ATOM   353 O  OP1    . DT  B 2 7  ? -14.558 -0.815  -2.646  1.00 78.03  ? 17  DT  B OP1    1 
ATOM   354 O  OP2    . DT  B 2 7  ? -12.336 -2.060  -2.922  1.00 59.26  ? 17  DT  B OP2    1 
ATOM   355 O  "O5'"  . DT  B 2 7  ? -12.542 0.333   -3.599  1.00 62.87  ? 17  DT  B "O5'"  1 
ATOM   356 C  "C5'"  . DT  B 2 7  ? -13.136 1.622   -3.566  1.00 62.12  ? 17  DT  B "C5'"  1 
ATOM   357 C  "C4'"  . DT  B 2 7  ? -12.236 2.659   -4.219  1.00 66.15  ? 17  DT  B "C4'"  1 
ATOM   358 O  "O4'"  . DT  B 2 7  ? -10.900 2.560   -3.669  1.00 64.90  ? 17  DT  B "O4'"  1 
ATOM   359 C  "C3'"  . DT  B 2 7  ? -12.043 2.502   -5.715  1.00 65.01  ? 17  DT  B "C3'"  1 
ATOM   360 O  "O3'"  . DT  B 2 7  ? -13.117 3.120   -6.412  1.00 69.21  ? 17  DT  B "O3'"  1 
ATOM   361 C  "C2'"  . DT  B 2 7  ? -10.733 3.251   -5.935  1.00 63.74  ? 17  DT  B "C2'"  1 
ATOM   362 C  "C1'"  . DT  B 2 7  ? -9.951  2.912   -4.664  1.00 61.50  ? 17  DT  B "C1'"  1 
ATOM   363 N  N1     . DT  B 2 7  ? -8.993  1.778   -4.838  1.00 53.15  ? 17  DT  B N1     1 
ATOM   364 C  C2     . DT  B 2 7  ? -7.808  1.996   -5.501  1.00 54.64  ? 17  DT  B C2     1 
ATOM   365 O  O2     . DT  B 2 7  ? -7.490  3.077   -5.960  1.00 48.01  ? 17  DT  B O2     1 
ATOM   366 N  N3     . DT  B 2 7  ? -7.001  0.895   -5.609  1.00 54.75  ? 17  DT  B N3     1 
ATOM   367 C  C4     . DT  B 2 7  ? -7.253  -0.376  -5.131  1.00 58.11  ? 17  DT  B C4     1 
ATOM   368 O  O4     . DT  B 2 7  ? -6.462  -1.301  -5.279  1.00 61.80  ? 17  DT  B O4     1 
ATOM   369 C  C5     . DT  B 2 7  ? -8.515  -0.538  -4.446  1.00 55.96  ? 17  DT  B C5     1 
ATOM   370 C  C7     . DT  B 2 7  ? -8.899  -1.873  -3.883  1.00 47.10  ? 17  DT  B C7     1 
ATOM   371 C  C6     . DT  B 2 7  ? -9.314  0.534   -4.334  1.00 52.68  ? 17  DT  B C6     1 
ATOM   372 P  P      . DT  B 2 8  ? -13.496 2.642   -7.899  1.00 63.96  ? 18  DT  B P      1 
ATOM   373 O  OP1    . DT  B 2 8  ? -14.733 3.349   -8.297  1.00 64.48  ? 18  DT  B OP1    1 
ATOM   374 O  OP2    . DT  B 2 8  ? -13.447 1.163   -7.919  1.00 59.36  ? 18  DT  B OP2    1 
ATOM   375 O  "O5'"  . DT  B 2 8  ? -12.288 3.179   -8.800  1.00 61.71  ? 18  DT  B "O5'"  1 
ATOM   376 C  "C5'"  . DT  B 2 8  ? -12.121 4.576   -9.014  1.00 64.63  ? 18  DT  B "C5'"  1 
ATOM   377 C  "C4'"  . DT  B 2 8  ? -10.814 4.856   -9.732  1.00 58.93  ? 18  DT  B "C4'"  1 
ATOM   378 O  "O4'"  . DT  B 2 8  ? -9.713  4.377   -8.924  1.00 70.01  ? 18  DT  B "O4'"  1 
ATOM   379 C  "C3'"  . DT  B 2 8  ? -10.655 4.150   -11.066 1.00 57.87  ? 18  DT  B "C3'"  1 
ATOM   380 O  "O3'"  . DT  B 2 8  ? -11.226 4.936   -12.104 1.00 62.59  ? 18  DT  B "O3'"  1 
ATOM   381 C  "C2'"  . DT  B 2 8  ? -9.139  4.059   -11.208 1.00 66.71  ? 18  DT  B "C2'"  1 
ATOM   382 C  "C1'"  . DT  B 2 8  ? -8.684  3.872   -9.758  1.00 60.99  ? 18  DT  B "C1'"  1 
ATOM   383 N  N1     . DT  B 2 8  ? -8.421  2.448   -9.390  1.00 48.59  ? 18  DT  B N1     1 
ATOM   384 C  C2     . DT  B 2 8  ? -7.171  1.918   -9.610  1.00 57.60  ? 18  DT  B C2     1 
ATOM   385 O  O2     . DT  B 2 8  ? -6.254  2.554   -10.098 1.00 61.19  ? 18  DT  B O2     1 
ATOM   386 N  N3     . DT  B 2 8  ? -7.032  0.608   -9.237  1.00 56.05  ? 18  DT  B N3     1 
ATOM   387 C  C4     . DT  B 2 8  ? -7.996  -0.209  -8.677  1.00 55.13  ? 18  DT  B C4     1 
ATOM   388 O  O4     . DT  B 2 8  ? -7.773  -1.377  -8.375  1.00 69.99  ? 18  DT  B O4     1 
ATOM   389 C  C5     . DT  B 2 8  ? -9.284  0.409   -8.474  1.00 52.61  ? 18  DT  B C5     1 
ATOM   390 C  C7     . DT  B 2 8  ? -10.411 -0.378  -7.872  1.00 61.03  ? 18  DT  B C7     1 
ATOM   391 C  C6     . DT  B 2 8  ? -9.433  1.692   -8.835  1.00 54.30  ? 18  DT  B C6     1 
ATOM   392 P  P      . DG  B 2 9  ? -11.870 4.228   -13.395 1.00 70.58  ? 19  DG  B P      1 
ATOM   393 O  OP1    . DG  B 2 9  ? -12.502 5.292   -14.207 1.00 53.94  ? 19  DG  B OP1    1 
ATOM   394 O  OP2    . DG  B 2 9  ? -12.678 3.079   -12.931 1.00 56.90  ? 19  DG  B OP2    1 
ATOM   395 O  "O5'"  . DG  B 2 9  ? -10.607 3.646   -14.189 1.00 72.09  ? 19  DG  B "O5'"  1 
ATOM   396 C  "C5'"  . DG  B 2 9  ? -9.653  4.535   -14.759 1.00 64.02  ? 19  DG  B "C5'"  1 
ATOM   397 C  "C4'"  . DG  B 2 9  ? -8.503  3.769   -15.392 1.00 58.92  ? 19  DG  B "C4'"  1 
ATOM   398 O  "O4'"  . DG  B 2 9  ? -7.683  3.181   -14.360 1.00 69.97  ? 19  DG  B "O4'"  1 
ATOM   399 C  "C3'"  . DG  B 2 9  ? -8.912  2.593   -16.256 1.00 65.46  ? 19  DG  B "C3'"  1 
ATOM   400 O  "O3'"  . DG  B 2 9  ? -9.243  3.043   -17.562 1.00 69.46  ? 19  DG  B "O3'"  1 
ATOM   401 C  "C2'"  . DG  B 2 9  ? -7.640  1.743   -16.260 1.00 61.03  ? 19  DG  B "C2'"  1 
ATOM   402 C  "C1'"  . DG  B 2 9  ? -7.025  2.040   -14.884 1.00 67.29  ? 19  DG  B "C1'"  1 
ATOM   403 N  N9     . DG  B 2 9  ? -7.159  0.939   -13.933 1.00 54.60  ? 19  DG  B N9     1 
ATOM   404 C  C8     . DG  B 2 9  ? -8.212  0.702   -13.084 1.00 59.40  ? 19  DG  B C8     1 
ATOM   405 N  N7     . DG  B 2 9  ? -8.053  -0.363  -12.346 1.00 60.14  ? 19  DG  B N7     1 
ATOM   406 C  C5     . DG  B 2 9  ? -6.817  -0.865  -12.731 1.00 54.50  ? 19  DG  B C5     1 
ATOM   407 C  C6     . DG  B 2 9  ? -6.114  -2.005  -12.275 1.00 61.22  ? 19  DG  B C6     1 
ATOM   408 O  O6     . DG  B 2 9  ? -6.455  -2.826  -11.413 1.00 64.03  ? 19  DG  B O6     1 
ATOM   409 N  N1     . DG  B 2 9  ? -4.892  -2.152  -12.929 1.00 68.07  ? 19  DG  B N1     1 
ATOM   410 C  C2     . DG  B 2 9  ? -4.412  -1.305  -13.900 1.00 59.51  ? 19  DG  B C2     1 
ATOM   411 N  N2     . DG  B 2 9  ? -3.212  -1.611  -14.414 1.00 58.84  ? 19  DG  B N2     1 
ATOM   412 N  N3     . DG  B 2 9  ? -5.061  -0.231  -14.334 1.00 62.32  ? 19  DG  B N3     1 
ATOM   413 C  C4     . DG  B 2 9  ? -6.253  -0.073  -13.707 1.00 62.70  ? 19  DG  B C4     1 
HETATM 414 SR SR     . SR  C 3 .  ? 6.886   4.054   11.379  1.00 135.81 ? 101 SR  A SR     1 
HETATM 415 SR SR     . SR  D 3 .  ? 1.723   3.294   -1.648  1.00 123.53 ? 102 SR  A SR     1 
HETATM 416 O  O      . HOH E 4 .  ? 3.829   4.282   10.779  1.00 73.58  ? 201 HOH A O      1 
HETATM 417 O  O      . HOH E 4 .  ? 1.514   1.061   -3.976  1.00 68.39  ? 202 HOH A O      1 
HETATM 418 O  O      . HOH E 4 .  ? 5.765   3.133   16.618  1.00 74.56  ? 203 HOH A O      1 
HETATM 419 O  O      . HOH F 4 .  ? -15.755 6.100   -7.996  1.00 85.22  ? 101 HOH B O      1 
# 
